data_4A25
#
_entry.id   4A25
#
_cell.length_a   150.474
_cell.length_b   150.474
_cell.length_c   86.618
_cell.angle_alpha   90.00
_cell.angle_beta   90.00
_cell.angle_gamma   120.00
#
_symmetry.space_group_name_H-M   'H 3'
#
loop_
_entity.id
_entity.type
_entity.pdbx_description
1 polymer 'FERRITIN DPS FAMILY PROTEIN'
2 non-polymer 'MANGANESE (II) ION'
3 non-polymer 'CHLORIDE ION'
4 water water
#
_entity_poly.entity_id   1
_entity_poly.type   'polypeptide(L)'
_entity_poly.pdbx_seq_one_letter_code
;TTIHDVQTTGLTQDAVTGFDASSRLNAGLQEVLVDLTALHLQGKQAHWNIVGENWRDLHLQLDTLVEAARGFSDDVAERM
RAVGGVPDARPQTVAASRIGDVGPDEIDTRACVEAIVALVRHTVDTIRRVHDPIDAEDPASADLLHAITLELEKQAWMIG
SENRSPRRR
;
_entity_poly.pdbx_strand_id   A,B,C,D
#
# COMPACT_ATOMS: atom_id res chain seq x y z
N THR A 1 5.74 25.04 13.96
CA THR A 1 6.55 24.80 12.73
C THR A 1 5.74 25.05 11.46
N THR A 2 6.27 25.94 10.61
CA THR A 2 5.61 26.42 9.40
C THR A 2 6.40 25.98 8.19
N ILE A 3 5.89 26.28 7.00
CA ILE A 3 6.57 25.97 5.74
C ILE A 3 7.93 26.69 5.67
N HIS A 4 7.98 27.88 6.28
CA HIS A 4 9.21 28.67 6.32
C HIS A 4 10.30 27.99 7.17
N ASP A 5 9.90 27.51 8.37
CA ASP A 5 10.82 26.79 9.27
C ASP A 5 11.45 25.59 8.56
N VAL A 6 10.61 24.85 7.83
CA VAL A 6 11.02 23.68 7.08
C VAL A 6 11.99 24.02 5.93
N GLN A 7 11.65 25.04 5.15
CA GLN A 7 12.50 25.48 4.03
C GLN A 7 13.93 25.88 4.43
N THR A 8 14.08 26.54 5.57
CA THR A 8 15.39 27.03 6.03
C THR A 8 16.27 25.87 6.55
N THR A 9 15.62 24.86 7.12
CA THR A 9 16.29 23.61 7.53
C THR A 9 16.65 22.74 6.31
N GLY A 10 16.12 23.09 5.14
CA GLY A 10 16.41 22.37 3.90
C GLY A 10 15.73 21.01 3.79
N LEU A 11 14.66 20.80 4.56
CA LEU A 11 13.93 19.53 4.50
C LEU A 11 12.67 19.71 3.67
N THR A 12 12.85 19.72 2.35
CA THR A 12 11.77 19.98 1.41
C THR A 12 11.96 19.10 0.18
N GLN A 13 10.89 18.97 -0.60
CA GLN A 13 10.92 18.21 -1.85
C GLN A 13 11.88 18.81 -2.87
N ASP A 14 12.03 20.14 -2.81
CA ASP A 14 12.87 20.87 -3.76
C ASP A 14 14.35 20.83 -3.40
N ALA A 15 14.65 20.90 -2.10
CA ALA A 15 16.02 20.81 -1.59
C ALA A 15 16.57 19.37 -1.58
N VAL A 16 15.73 18.42 -1.18
CA VAL A 16 16.15 17.03 -1.10
C VAL A 16 15.46 16.20 -2.17
N THR A 17 16.11 16.06 -3.32
CA THR A 17 15.51 15.39 -4.46
C THR A 17 15.73 13.88 -4.39
N GLY A 18 14.84 13.13 -5.04
CA GLY A 18 14.93 11.68 -5.00
C GLY A 18 15.58 11.18 -6.25
N PHE A 19 15.50 9.88 -6.45
CA PHE A 19 15.92 9.26 -7.69
C PHE A 19 15.06 9.76 -8.85
N ASP A 20 15.70 10.33 -9.85
CA ASP A 20 14.99 10.76 -11.05
C ASP A 20 15.40 9.92 -12.24
N ALA A 21 14.44 9.13 -12.71
CA ALA A 21 14.68 8.20 -13.79
C ALA A 21 15.01 8.89 -15.11
N SER A 22 15.77 8.20 -15.95
CA SER A 22 16.10 8.69 -17.28
C SER A 22 14.88 8.44 -18.17
N SER A 23 14.76 9.24 -19.23
CA SER A 23 13.62 9.13 -20.14
C SER A 23 13.59 7.77 -20.80
N ARG A 24 14.76 7.13 -20.89
CA ARG A 24 14.83 5.74 -21.34
C ARG A 24 14.13 4.79 -20.34
N LEU A 25 14.48 4.90 -19.05
CA LEU A 25 13.83 4.09 -18.00
C LEU A 25 12.32 4.28 -18.09
N ASN A 26 11.88 5.53 -17.94
CA ASN A 26 10.47 5.90 -18.04
C ASN A 26 9.76 5.38 -19.27
N ALA A 27 10.46 5.38 -20.41
CA ALA A 27 9.88 4.90 -21.66
C ALA A 27 9.79 3.38 -21.72
N GLY A 28 10.74 2.68 -21.10
CA GLY A 28 10.69 1.22 -21.07
C GLY A 28 9.53 0.71 -20.22
N LEU A 29 9.29 1.38 -19.09
CA LEU A 29 8.17 1.03 -18.20
C LEU A 29 6.84 1.33 -18.88
N GLN A 30 6.77 2.49 -19.53
CA GLN A 30 5.62 2.85 -20.34
C GLN A 30 5.24 1.77 -21.35
N GLU A 31 6.23 1.18 -22.04
CA GLU A 31 5.91 0.11 -23.00
C GLU A 31 5.26 -1.07 -22.27
N VAL A 32 5.83 -1.43 -21.13
CA VAL A 32 5.33 -2.54 -20.28
C VAL A 32 3.91 -2.25 -19.81
N LEU A 33 3.64 -0.99 -19.44
CA LEU A 33 2.31 -0.62 -18.98
C LEU A 33 1.25 -0.84 -20.07
N VAL A 34 1.55 -0.38 -21.28
CA VAL A 34 0.64 -0.47 -22.41
C VAL A 34 0.31 -1.91 -22.65
N ASP A 35 1.34 -2.75 -22.69
CA ASP A 35 1.15 -4.17 -22.98
C ASP A 35 0.38 -4.86 -21.84
N LEU A 36 0.70 -4.54 -20.59
CA LEU A 36 -0.07 -5.11 -19.46
C LEU A 36 -1.56 -4.70 -19.50
N THR A 37 -1.82 -3.46 -19.90
CA THR A 37 -3.19 -2.93 -19.98
C THR A 37 -3.98 -3.55 -21.13
N ALA A 38 -3.33 -3.69 -22.29
CA ALA A 38 -3.94 -4.38 -23.40
C ALA A 38 -4.22 -5.82 -23.01
N LEU A 39 -3.27 -6.43 -22.32
CA LEU A 39 -3.45 -7.78 -21.85
C LEU A 39 -4.73 -7.96 -21.02
N HIS A 40 -4.98 -7.07 -20.05
CA HIS A 40 -6.20 -7.29 -19.26
C HIS A 40 -7.50 -6.96 -19.99
N LEU A 41 -7.44 -6.02 -20.95
CA LEU A 41 -8.60 -5.78 -21.85
C LEU A 41 -8.94 -6.98 -22.73
N GLN A 42 -7.94 -7.48 -23.45
CA GLN A 42 -8.09 -8.67 -24.30
C GLN A 42 -8.48 -9.88 -23.46
N GLY A 43 -7.87 -9.97 -22.27
CA GLY A 43 -8.19 -11.03 -21.30
C GLY A 43 -9.67 -11.09 -20.95
N LYS A 44 -10.23 -9.93 -20.64
CA LYS A 44 -11.65 -9.84 -20.34
C LYS A 44 -12.51 -10.13 -21.57
N GLN A 45 -12.09 -9.58 -22.71
CA GLN A 45 -12.78 -9.88 -23.95
C GLN A 45 -12.92 -11.39 -24.12
N ALA A 46 -11.84 -12.12 -23.95
CA ALA A 46 -11.85 -13.57 -24.07
C ALA A 46 -12.73 -14.21 -22.97
N HIS A 47 -12.53 -13.76 -21.73
CA HIS A 47 -13.34 -14.15 -20.54
C HIS A 47 -14.83 -14.24 -20.87
N TRP A 48 -15.37 -13.21 -21.50
CA TRP A 48 -16.79 -13.17 -21.85
C TRP A 48 -17.12 -14.08 -23.03
N ASN A 49 -16.21 -14.13 -24.00
CA ASN A 49 -16.60 -14.64 -25.33
C ASN A 49 -16.16 -16.05 -25.69
N ILE A 50 -15.42 -16.71 -24.80
CA ILE A 50 -15.09 -18.13 -24.99
C ILE A 50 -16.32 -19.03 -25.05
N VAL A 51 -16.28 -19.99 -25.98
CA VAL A 51 -17.26 -21.09 -26.07
C VAL A 51 -16.55 -22.43 -26.32
N GLY A 52 -17.10 -23.51 -25.79
CA GLY A 52 -16.53 -24.83 -26.07
C GLY A 52 -15.90 -25.52 -24.89
N GLU A 53 -15.32 -26.69 -25.17
CA GLU A 53 -14.89 -27.65 -24.14
C GLU A 53 -14.01 -26.99 -23.06
N ASN A 54 -14.17 -27.47 -21.82
CA ASN A 54 -13.53 -26.89 -20.64
C ASN A 54 -13.71 -25.37 -20.52
N TRP A 55 -14.96 -24.93 -20.61
CA TRP A 55 -15.29 -23.52 -20.62
C TRP A 55 -14.92 -22.88 -19.25
N ARG A 56 -15.38 -23.51 -18.18
CA ARG A 56 -15.30 -22.88 -16.83
C ARG A 56 -13.86 -22.62 -16.38
N ASP A 57 -13.02 -23.65 -16.41
CA ASP A 57 -11.58 -23.51 -16.11
C ASP A 57 -10.93 -22.32 -16.81
N LEU A 58 -11.23 -22.16 -18.10
CA LEU A 58 -10.63 -21.10 -18.89
C LEU A 58 -11.22 -19.73 -18.52
N HIS A 59 -12.53 -19.69 -18.27
CA HIS A 59 -13.21 -18.47 -17.86
C HIS A 59 -12.56 -17.91 -16.57
N LEU A 60 -12.27 -18.83 -15.66
CA LEU A 60 -11.71 -18.46 -14.35
C LEU A 60 -10.25 -18.10 -14.49
N GLN A 61 -9.49 -18.89 -15.26
CA GLN A 61 -8.07 -18.62 -15.40
C GLN A 61 -7.83 -17.30 -16.13
N LEU A 62 -8.73 -16.93 -17.05
CA LEU A 62 -8.63 -15.62 -17.69
C LEU A 62 -8.92 -14.48 -16.70
N ASP A 63 -9.78 -14.73 -15.72
CA ASP A 63 -9.97 -13.71 -14.66
C ASP A 63 -8.73 -13.53 -13.77
N THR A 64 -8.09 -14.64 -13.42
CA THR A 64 -6.82 -14.62 -12.67
C THR A 64 -5.73 -13.82 -13.40
N LEU A 65 -5.66 -14.02 -14.72
CA LEU A 65 -4.71 -13.28 -15.54
C LEU A 65 -5.06 -11.80 -15.57
N VAL A 66 -6.34 -11.50 -15.75
CA VAL A 66 -6.84 -10.13 -15.80
C VAL A 66 -6.50 -9.38 -14.50
N GLU A 67 -6.80 -10.05 -13.38
CA GLU A 67 -6.49 -9.53 -12.06
C GLU A 67 -4.99 -9.25 -11.89
N ALA A 68 -4.13 -10.18 -12.30
CA ALA A 68 -2.68 -10.00 -12.16
C ALA A 68 -2.17 -8.82 -13.03
N ALA A 69 -2.61 -8.79 -14.28
CA ALA A 69 -2.23 -7.71 -15.21
C ALA A 69 -2.71 -6.34 -14.71
N ARG A 70 -3.96 -6.26 -14.26
CA ARG A 70 -4.45 -5.04 -13.63
C ARG A 70 -3.57 -4.57 -12.47
N GLY A 71 -3.28 -5.47 -11.54
CA GLY A 71 -2.39 -5.13 -10.43
C GLY A 71 -1.01 -4.69 -10.89
N PHE A 72 -0.41 -5.46 -11.79
CA PHE A 72 0.91 -5.13 -12.30
C PHE A 72 0.94 -3.80 -13.06
N SER A 73 -0.12 -3.51 -13.81
CA SER A 73 -0.26 -2.21 -14.49
C SER A 73 -0.20 -1.08 -13.49
N ASP A 74 -0.96 -1.20 -12.41
CA ASP A 74 -0.94 -0.19 -11.34
C ASP A 74 0.46 -0.08 -10.71
N ASP A 75 1.11 -1.21 -10.49
CA ASP A 75 2.46 -1.21 -9.92
C ASP A 75 3.46 -0.46 -10.84
N VAL A 76 3.45 -0.77 -12.14
CA VAL A 76 4.37 -0.12 -13.09
C VAL A 76 4.07 1.36 -13.26
N ALA A 77 2.79 1.68 -13.43
CA ALA A 77 2.37 3.08 -13.53
C ALA A 77 2.82 3.87 -12.32
N GLU A 78 2.59 3.32 -11.12
CA GLU A 78 3.04 4.00 -9.91
C GLU A 78 4.55 3.96 -9.72
N ARG A 79 5.23 2.94 -10.23
CA ARG A 79 6.71 2.97 -10.18
C ARG A 79 7.21 4.18 -11.01
N MET A 80 6.62 4.36 -12.20
CA MET A 80 6.94 5.54 -13.00
C MET A 80 6.78 6.84 -12.20
N ARG A 81 5.63 7.02 -11.54
CA ARG A 81 5.37 8.22 -10.75
C ARG A 81 6.43 8.40 -9.66
N ALA A 82 6.80 7.31 -9.01
CA ALA A 82 7.78 7.35 -7.93
C ALA A 82 9.16 7.80 -8.43
N VAL A 83 9.46 7.54 -9.71
CA VAL A 83 10.78 7.88 -10.27
C VAL A 83 10.74 9.11 -11.20
N GLY A 84 9.63 9.83 -11.17
CA GLY A 84 9.52 11.06 -11.94
C GLY A 84 8.84 11.00 -13.27
N GLY A 85 8.50 9.79 -13.74
CA GLY A 85 7.77 9.58 -15.00
C GLY A 85 6.26 9.84 -14.94
N VAL A 86 5.62 9.81 -16.11
CA VAL A 86 4.18 10.09 -16.24
C VAL A 86 3.51 9.07 -17.14
N PRO A 87 2.79 8.10 -16.55
CA PRO A 87 2.22 7.01 -17.32
C PRO A 87 1.02 7.39 -18.17
N ASP A 88 0.75 6.61 -19.22
CA ASP A 88 -0.44 6.83 -20.03
C ASP A 88 -0.99 5.47 -20.44
N ALA A 89 -2.17 5.15 -19.94
CA ALA A 89 -2.86 3.94 -20.33
C ALA A 89 -4.31 4.21 -20.71
N ARG A 90 -4.53 5.37 -21.35
CA ARG A 90 -5.83 5.69 -21.96
C ARG A 90 -6.10 4.71 -23.09
N PRO A 91 -7.40 4.42 -23.38
CA PRO A 91 -7.71 3.38 -24.36
C PRO A 91 -7.04 3.58 -25.73
N GLN A 92 -6.93 4.83 -26.17
CA GLN A 92 -6.35 5.14 -27.48
C GLN A 92 -4.83 4.90 -27.50
N THR A 93 -4.20 5.11 -26.36
CA THR A 93 -2.76 4.87 -26.22
C THR A 93 -2.50 3.37 -26.14
N VAL A 94 -3.38 2.67 -25.44
CA VAL A 94 -3.29 1.22 -25.25
C VAL A 94 -3.58 0.44 -26.54
N ALA A 95 -4.44 1.00 -27.38
CA ALA A 95 -4.77 0.41 -28.69
C ALA A 95 -3.56 0.22 -29.62
N ALA A 96 -2.47 0.95 -29.36
CA ALA A 96 -1.26 0.88 -30.18
C ALA A 96 -0.36 -0.27 -29.74
N SER A 97 -0.78 -1.03 -28.73
CA SER A 97 -0.05 -2.23 -28.32
C SER A 97 -0.03 -3.26 -29.45
N ARG A 98 1.09 -3.96 -29.59
CA ARG A 98 1.20 -5.00 -30.61
C ARG A 98 1.12 -6.44 -30.09
N ILE A 99 0.60 -6.63 -28.87
CA ILE A 99 0.57 -7.98 -28.28
C ILE A 99 -0.35 -8.98 -28.99
N GLY A 100 -1.30 -8.47 -29.77
CA GLY A 100 -2.27 -9.32 -30.42
C GLY A 100 -3.68 -8.98 -30.00
N ASP A 101 -4.65 -9.64 -30.64
CA ASP A 101 -6.05 -9.29 -30.52
C ASP A 101 -6.87 -10.58 -30.62
N VAL A 102 -7.87 -10.74 -29.75
CA VAL A 102 -8.70 -11.95 -29.77
C VAL A 102 -9.93 -11.79 -30.67
N GLY A 103 -10.10 -10.58 -31.21
CA GLY A 103 -11.20 -10.27 -32.10
C GLY A 103 -12.50 -9.94 -31.38
N PRO A 104 -13.52 -9.54 -32.15
CA PRO A 104 -14.83 -9.13 -31.65
C PRO A 104 -15.82 -10.28 -31.48
N ASP A 105 -15.48 -11.47 -31.95
CA ASP A 105 -16.42 -12.60 -32.00
C ASP A 105 -16.20 -13.64 -30.89
N GLU A 106 -17.21 -14.46 -30.66
CA GLU A 106 -17.06 -15.67 -29.86
C GLU A 106 -15.84 -16.45 -30.31
N ILE A 107 -15.16 -17.07 -29.35
CA ILE A 107 -13.89 -17.75 -29.65
C ILE A 107 -13.88 -19.15 -29.04
N ASP A 108 -13.61 -20.16 -29.86
CA ASP A 108 -13.46 -21.51 -29.32
C ASP A 108 -12.38 -21.55 -28.22
N THR A 109 -12.66 -22.28 -27.13
CA THR A 109 -11.76 -22.36 -25.99
C THR A 109 -10.34 -22.81 -26.35
N ARG A 110 -10.23 -23.84 -27.19
CA ARG A 110 -8.93 -24.38 -27.60
C ARG A 110 -8.14 -23.29 -28.32
N ALA A 111 -8.83 -22.51 -29.15
CA ALA A 111 -8.22 -21.45 -29.95
C ALA A 111 -7.79 -20.29 -29.07
N CYS A 112 -8.59 -20.03 -28.04
CA CYS A 112 -8.33 -18.96 -27.05
C CYS A 112 -7.06 -19.21 -26.23
N VAL A 113 -6.87 -20.46 -25.82
CA VAL A 113 -5.63 -20.88 -25.17
C VAL A 113 -4.42 -20.47 -25.97
N GLU A 114 -4.43 -20.73 -27.28
CA GLU A 114 -3.31 -20.39 -28.14
C GLU A 114 -3.13 -18.87 -28.26
N ALA A 115 -4.23 -18.15 -28.46
CA ALA A 115 -4.14 -16.71 -28.64
C ALA A 115 -3.63 -16.03 -27.34
N ILE A 116 -4.16 -16.45 -26.20
CA ILE A 116 -3.82 -15.79 -24.93
C ILE A 116 -2.39 -16.08 -24.55
N VAL A 117 -1.95 -17.32 -24.75
CA VAL A 117 -0.58 -17.72 -24.48
C VAL A 117 0.36 -16.84 -25.29
N ALA A 118 0.00 -16.60 -26.55
CA ALA A 118 0.76 -15.70 -27.41
C ALA A 118 0.73 -14.25 -26.89
N LEU A 119 -0.46 -13.76 -26.54
CA LEU A 119 -0.54 -12.41 -25.95
C LEU A 119 0.31 -12.22 -24.69
N VAL A 120 0.28 -13.21 -23.80
CA VAL A 120 1.10 -13.17 -22.60
C VAL A 120 2.58 -13.21 -23.00
N ARG A 121 2.95 -14.16 -23.87
CA ARG A 121 4.34 -14.30 -24.28
C ARG A 121 4.85 -13.02 -24.94
N HIS A 122 4.00 -12.33 -25.68
CA HIS A 122 4.38 -11.03 -26.27
C HIS A 122 4.60 -9.93 -25.24
N THR A 123 3.82 -9.95 -24.16
CA THR A 123 3.97 -8.99 -23.07
C THR A 123 5.28 -9.28 -22.31
N VAL A 124 5.52 -10.55 -21.99
CA VAL A 124 6.81 -10.94 -21.41
C VAL A 124 7.98 -10.55 -22.32
N ASP A 125 7.80 -10.65 -23.63
CA ASP A 125 8.85 -10.34 -24.61
C ASP A 125 9.31 -8.89 -24.41
N THR A 126 8.34 -7.98 -24.32
CA THR A 126 8.60 -6.57 -24.01
C THR A 126 9.37 -6.32 -22.71
N ILE A 127 9.00 -7.04 -21.65
CA ILE A 127 9.68 -6.89 -20.36
C ILE A 127 11.13 -7.36 -20.47
N ARG A 128 11.34 -8.51 -21.10
CA ARG A 128 12.68 -9.04 -21.27
C ARG A 128 13.53 -8.12 -22.15
N ARG A 129 12.92 -7.54 -23.18
CA ARG A 129 13.65 -6.59 -24.04
C ARG A 129 14.13 -5.35 -23.26
N VAL A 130 13.25 -4.73 -22.48
CA VAL A 130 13.59 -3.47 -21.78
C VAL A 130 14.37 -3.70 -20.48
N HIS A 131 14.49 -4.96 -20.05
CA HIS A 131 14.97 -5.28 -18.71
C HIS A 131 16.41 -4.85 -18.41
N ASP A 132 17.34 -5.19 -19.30
CA ASP A 132 18.77 -4.99 -19.05
C ASP A 132 19.18 -3.52 -18.79
N PRO A 133 18.77 -2.58 -19.67
CA PRO A 133 19.11 -1.16 -19.38
C PRO A 133 18.39 -0.57 -18.16
N ILE A 134 17.18 -1.08 -17.86
CA ILE A 134 16.48 -0.68 -16.64
C ILE A 134 17.23 -1.19 -15.42
N ASP A 135 17.60 -2.47 -15.45
CA ASP A 135 18.36 -3.06 -14.34
C ASP A 135 19.69 -2.32 -14.09
N ALA A 136 20.37 -1.95 -15.17
CA ALA A 136 21.62 -1.21 -15.12
C ALA A 136 21.46 0.11 -14.39
N GLU A 137 20.39 0.83 -14.69
CA GLU A 137 20.14 2.14 -14.08
C GLU A 137 19.50 2.09 -12.69
N ASP A 138 18.53 1.19 -12.53
CA ASP A 138 17.68 1.15 -11.34
C ASP A 138 17.27 -0.29 -11.01
N PRO A 139 18.11 -1.01 -10.26
CA PRO A 139 17.87 -2.43 -9.94
C PRO A 139 16.49 -2.70 -9.31
N ALA A 140 16.01 -1.78 -8.47
CA ALA A 140 14.69 -1.90 -7.83
C ALA A 140 13.55 -1.96 -8.83
N SER A 141 13.61 -1.15 -9.90
CA SER A 141 12.63 -1.25 -10.98
C SER A 141 12.65 -2.62 -11.69
N ALA A 142 13.85 -3.16 -11.91
CA ALA A 142 14.03 -4.49 -12.50
C ALA A 142 13.48 -5.58 -11.58
N ASP A 143 13.63 -5.40 -10.27
CA ASP A 143 13.04 -6.32 -9.32
C ASP A 143 11.51 -6.44 -9.52
N LEU A 144 10.83 -5.29 -9.67
CA LEU A 144 9.39 -5.29 -10.01
C LEU A 144 9.17 -6.07 -11.30
N LEU A 145 9.98 -5.79 -12.33
CA LEU A 145 9.91 -6.55 -13.58
C LEU A 145 10.11 -8.05 -13.35
N HIS A 146 11.00 -8.44 -12.44
CA HIS A 146 11.15 -9.86 -12.10
C HIS A 146 9.84 -10.49 -11.58
N ALA A 147 9.16 -9.83 -10.65
CA ALA A 147 7.86 -10.31 -10.14
C ALA A 147 6.84 -10.51 -11.26
N ILE A 148 6.76 -9.54 -12.19
CA ILE A 148 5.80 -9.60 -13.28
C ILE A 148 6.12 -10.75 -14.25
N THR A 149 7.39 -10.87 -14.62
CA THR A 149 7.87 -11.98 -15.45
C THR A 149 7.52 -13.35 -14.83
N LEU A 150 7.92 -13.58 -13.58
CA LEU A 150 7.58 -14.85 -12.91
C LEU A 150 6.09 -15.21 -12.97
N GLU A 151 5.24 -14.23 -12.69
CA GLU A 151 3.82 -14.47 -12.61
C GLU A 151 3.21 -14.70 -14.01
N LEU A 152 3.54 -13.85 -14.98
CA LEU A 152 3.04 -14.01 -16.35
C LEU A 152 3.48 -15.31 -17.00
N GLU A 153 4.73 -15.69 -16.78
CA GLU A 153 5.25 -16.92 -17.36
C GLU A 153 4.62 -18.10 -16.66
N LYS A 154 4.34 -17.97 -15.36
CA LYS A 154 3.65 -19.03 -14.65
C LYS A 154 2.27 -19.27 -15.28
N GLN A 155 1.55 -18.18 -15.49
CA GLN A 155 0.20 -18.28 -16.04
C GLN A 155 0.23 -18.77 -17.50
N ALA A 156 1.24 -18.32 -18.25
CA ALA A 156 1.45 -18.78 -19.64
C ALA A 156 1.57 -20.30 -19.69
N TRP A 157 2.38 -20.87 -18.79
CA TRP A 157 2.46 -22.31 -18.67
C TRP A 157 1.10 -22.91 -18.31
N MET A 158 0.46 -22.37 -17.26
CA MET A 158 -0.79 -22.95 -16.79
C MET A 158 -1.88 -22.92 -17.87
N ILE A 159 -2.04 -21.79 -18.54
CA ILE A 159 -3.07 -21.70 -19.56
C ILE A 159 -2.72 -22.66 -20.73
N GLY A 160 -1.48 -22.63 -21.20
CA GLY A 160 -1.08 -23.41 -22.41
C GLY A 160 -1.04 -24.92 -22.28
N SER A 161 -0.90 -25.40 -21.03
CA SER A 161 -0.82 -26.84 -20.78
C SER A 161 -2.05 -27.58 -21.24
N GLU A 162 -3.17 -26.85 -21.27
CA GLU A 162 -4.45 -27.34 -21.76
C GLU A 162 -4.33 -27.95 -23.17
N ASN A 163 -3.52 -27.31 -24.02
CA ASN A 163 -3.34 -27.72 -25.44
C ASN A 163 -2.06 -28.52 -25.71
N ARG A 164 -1.42 -29.06 -24.67
CA ARG A 164 -0.18 -29.80 -24.89
C ARG A 164 -0.33 -31.32 -24.80
N SER A 165 0.54 -32.01 -25.55
CA SER A 165 0.78 -33.43 -25.37
C SER A 165 2.15 -33.58 -24.70
N PRO A 166 2.37 -34.72 -24.04
CA PRO A 166 3.67 -35.00 -23.42
C PRO A 166 4.80 -35.06 -24.45
N ARG A 167 6.01 -34.69 -24.02
CA ARG A 167 7.19 -34.63 -24.86
C ARG A 167 8.04 -35.87 -24.60
N THR B 1 -28.61 -39.95 -19.54
CA THR B 1 -27.44 -40.88 -19.51
C THR B 1 -26.41 -40.47 -20.57
N THR B 2 -26.68 -40.75 -21.84
CA THR B 2 -25.81 -40.29 -22.93
C THR B 2 -26.42 -39.08 -23.61
N ILE B 3 -25.71 -38.52 -24.59
CA ILE B 3 -26.20 -37.35 -25.31
C ILE B 3 -27.31 -37.74 -26.30
N HIS B 4 -27.39 -39.04 -26.62
CA HIS B 4 -28.51 -39.59 -27.38
C HIS B 4 -29.79 -39.52 -26.56
N ASP B 5 -29.70 -39.90 -25.28
CA ASP B 5 -30.85 -39.93 -24.39
C ASP B 5 -31.45 -38.55 -24.18
N VAL B 6 -30.58 -37.54 -24.12
CA VAL B 6 -30.98 -36.17 -23.84
C VAL B 6 -31.68 -35.48 -25.03
N GLN B 7 -31.21 -35.78 -26.24
CA GLN B 7 -31.81 -35.20 -27.44
C GLN B 7 -33.16 -35.82 -27.83
N THR B 8 -33.41 -37.05 -27.39
CA THR B 8 -34.73 -37.68 -27.58
C THR B 8 -35.78 -37.11 -26.63
N THR B 9 -35.35 -36.69 -25.44
CA THR B 9 -36.23 -36.02 -24.49
C THR B 9 -36.41 -34.55 -24.87
N GLY B 10 -35.44 -34.01 -25.61
CA GLY B 10 -35.47 -32.61 -26.06
C GLY B 10 -34.96 -31.63 -25.01
N LEU B 11 -34.32 -32.13 -23.95
CA LEU B 11 -33.76 -31.26 -22.91
C LEU B 11 -32.37 -30.81 -23.34
N THR B 12 -32.32 -29.82 -24.22
CA THR B 12 -31.06 -29.31 -24.77
C THR B 12 -31.05 -27.79 -24.87
N GLN B 13 -29.92 -27.24 -25.33
CA GLN B 13 -29.79 -25.83 -25.65
C GLN B 13 -30.50 -25.48 -26.95
N ASP B 14 -30.49 -26.41 -27.90
CA ASP B 14 -31.15 -26.22 -29.20
C ASP B 14 -32.66 -26.33 -29.12
N ALA B 15 -33.14 -27.33 -28.39
CA ALA B 15 -34.58 -27.61 -28.27
C ALA B 15 -35.31 -26.68 -27.30
N VAL B 16 -34.61 -26.20 -26.28
CA VAL B 16 -35.19 -25.23 -25.35
C VAL B 16 -34.31 -23.98 -25.31
N THR B 17 -34.74 -22.95 -26.03
CA THR B 17 -33.99 -21.71 -26.13
C THR B 17 -34.32 -20.81 -24.94
N GLY B 18 -33.35 -20.02 -24.52
CA GLY B 18 -33.58 -18.97 -23.54
C GLY B 18 -34.01 -17.70 -24.26
N PHE B 19 -34.30 -16.68 -23.47
CA PHE B 19 -34.65 -15.37 -23.98
C PHE B 19 -33.55 -14.85 -24.89
N ASP B 20 -33.91 -14.53 -26.12
CA ASP B 20 -32.97 -13.98 -27.09
C ASP B 20 -33.28 -12.51 -27.31
N ALA B 21 -32.32 -11.68 -26.94
CA ALA B 21 -32.46 -10.25 -27.04
C ALA B 21 -32.37 -9.77 -28.48
N SER B 22 -33.13 -8.72 -28.75
CA SER B 22 -33.09 -8.01 -30.02
C SER B 22 -31.73 -7.35 -30.18
N SER B 23 -31.30 -7.19 -31.43
CA SER B 23 -30.09 -6.44 -31.70
C SER B 23 -30.13 -5.03 -31.06
N ARG B 24 -31.33 -4.45 -30.90
CA ARG B 24 -31.47 -3.14 -30.25
C ARG B 24 -31.04 -3.20 -28.76
N LEU B 25 -31.55 -4.20 -28.05
CA LEU B 25 -31.19 -4.42 -26.64
C LEU B 25 -29.67 -4.64 -26.51
N ASN B 26 -29.15 -5.60 -27.25
CA ASN B 26 -27.72 -5.88 -27.28
C ASN B 26 -26.89 -4.65 -27.64
N ALA B 27 -27.37 -3.85 -28.59
CA ALA B 27 -26.68 -2.62 -29.01
C ALA B 27 -26.65 -1.57 -27.90
N GLY B 28 -27.75 -1.47 -27.16
CA GLY B 28 -27.85 -0.54 -26.03
C GLY B 28 -26.96 -0.92 -24.85
N LEU B 29 -26.82 -2.22 -24.58
CA LEU B 29 -25.88 -2.68 -23.51
C LEU B 29 -24.44 -2.49 -23.95
N GLN B 30 -24.16 -2.74 -25.24
CA GLN B 30 -22.83 -2.58 -25.81
C GLN B 30 -22.32 -1.15 -25.63
N GLU B 31 -23.20 -0.18 -25.81
CA GLU B 31 -22.87 1.22 -25.58
C GLU B 31 -22.49 1.42 -24.11
N VAL B 32 -23.31 0.91 -23.21
CA VAL B 32 -23.04 1.06 -21.77
C VAL B 32 -21.70 0.44 -21.42
N LEU B 33 -21.43 -0.75 -21.96
CA LEU B 33 -20.18 -1.47 -21.75
C LEU B 33 -18.94 -0.67 -22.17
N VAL B 34 -18.99 -0.14 -23.40
CA VAL B 34 -17.92 0.68 -23.95
C VAL B 34 -17.62 1.84 -23.02
N ASP B 35 -18.65 2.58 -22.62
CA ASP B 35 -18.46 3.73 -21.75
C ASP B 35 -18.00 3.36 -20.33
N LEU B 36 -18.47 2.22 -19.80
CA LEU B 36 -18.07 1.86 -18.44
C LEU B 36 -16.60 1.46 -18.44
N THR B 37 -16.19 0.81 -19.53
CA THR B 37 -14.82 0.37 -19.69
C THR B 37 -13.91 1.58 -19.90
N ALA B 38 -14.40 2.59 -20.61
CA ALA B 38 -13.62 3.80 -20.82
C ALA B 38 -13.48 4.53 -19.51
N LEU B 39 -14.55 4.50 -18.72
CA LEU B 39 -14.59 5.18 -17.44
C LEU B 39 -13.53 4.64 -16.47
N HIS B 40 -13.39 3.32 -16.37
CA HIS B 40 -12.35 2.79 -15.49
C HIS B 40 -10.92 2.93 -16.02
N LEU B 41 -10.76 2.99 -17.34
CA LEU B 41 -9.44 3.27 -17.93
C LEU B 41 -9.00 4.70 -17.63
N GLN B 42 -9.93 5.64 -17.80
CA GLN B 42 -9.68 7.04 -17.51
C GLN B 42 -9.51 7.23 -16.01
N GLY B 43 -10.33 6.51 -15.24
CA GLY B 43 -10.20 6.50 -13.79
C GLY B 43 -8.81 6.16 -13.29
N LYS B 44 -8.22 5.09 -13.82
CA LYS B 44 -6.85 4.70 -13.44
C LYS B 44 -5.81 5.72 -13.92
N GLN B 45 -6.00 6.24 -15.13
CA GLN B 45 -5.12 7.32 -15.64
C GLN B 45 -5.02 8.46 -14.63
N ALA B 46 -6.17 8.91 -14.13
CA ALA B 46 -6.25 10.01 -13.16
C ALA B 46 -5.71 9.63 -11.78
N HIS B 47 -6.04 8.43 -11.33
CA HIS B 47 -5.55 7.79 -10.09
C HIS B 47 -4.02 7.96 -9.95
N TRP B 48 -3.30 7.68 -11.05
CA TRP B 48 -1.84 7.78 -11.08
C TRP B 48 -1.32 9.21 -11.18
N ASN B 49 -2.03 10.05 -11.93
CA ASN B 49 -1.47 11.33 -12.38
C ASN B 49 -1.94 12.61 -11.68
N ILE B 50 -2.91 12.48 -10.77
CA ILE B 50 -3.32 13.64 -9.98
C ILE B 50 -2.18 14.18 -9.15
N VAL B 51 -2.17 15.51 -9.01
CA VAL B 51 -1.24 16.20 -8.12
C VAL B 51 -1.95 17.34 -7.43
N GLY B 52 -1.56 17.65 -6.20
CA GLY B 52 -2.14 18.78 -5.53
C GLY B 52 -3.02 18.48 -4.34
N GLU B 53 -3.78 19.50 -3.94
CA GLU B 53 -4.48 19.51 -2.65
C GLU B 53 -5.50 18.37 -2.49
N ASN B 54 -5.57 17.82 -1.28
CA ASN B 54 -6.38 16.62 -0.97
C ASN B 54 -6.15 15.48 -1.93
N TRP B 55 -4.87 15.14 -2.11
CA TRP B 55 -4.44 14.11 -3.04
C TRP B 55 -4.98 12.73 -2.65
N ARG B 56 -4.67 12.28 -1.43
CA ARG B 56 -4.95 10.89 -1.02
C ARG B 56 -6.45 10.50 -1.14
N ASP B 57 -7.33 11.35 -0.62
CA ASP B 57 -8.78 11.13 -0.77
C ASP B 57 -9.18 10.87 -2.23
N LEU B 58 -8.66 11.68 -3.14
CA LEU B 58 -9.04 11.53 -4.56
C LEU B 58 -8.42 10.26 -5.16
N HIS B 59 -7.14 10.04 -4.86
CA HIS B 59 -6.47 8.79 -5.25
C HIS B 59 -7.34 7.58 -4.89
N LEU B 60 -7.80 7.55 -3.64
CA LEU B 60 -8.58 6.42 -3.11
C LEU B 60 -9.98 6.41 -3.74
N GLN B 61 -10.62 7.57 -3.82
CA GLN B 61 -11.97 7.58 -4.39
C GLN B 61 -11.96 7.17 -5.87
N LEU B 62 -10.89 7.51 -6.59
CA LEU B 62 -10.76 7.07 -7.98
C LEU B 62 -10.63 5.56 -8.10
N ASP B 63 -9.93 4.95 -7.14
CA ASP B 63 -9.82 3.51 -7.16
C ASP B 63 -11.20 2.86 -6.91
N THR B 64 -11.99 3.47 -6.01
CA THR B 64 -13.36 2.98 -5.72
C THR B 64 -14.22 3.06 -7.01
N LEU B 65 -14.11 4.18 -7.73
CA LEU B 65 -14.82 4.33 -9.02
C LEU B 65 -14.36 3.28 -10.03
N VAL B 66 -13.04 3.14 -10.17
CA VAL B 66 -12.44 2.14 -11.05
C VAL B 66 -12.98 0.73 -10.75
N GLU B 67 -13.00 0.37 -9.46
CA GLU B 67 -13.49 -0.94 -9.05
C GLU B 67 -14.97 -1.13 -9.41
N ALA B 68 -15.81 -0.14 -9.13
CA ALA B 68 -17.22 -0.22 -9.47
C ALA B 68 -17.43 -0.40 -10.99
N ALA B 69 -16.72 0.39 -11.79
CA ALA B 69 -16.87 0.36 -13.25
C ALA B 69 -16.36 -0.96 -13.85
N ARG B 70 -15.23 -1.46 -13.34
CA ARG B 70 -14.78 -2.78 -13.73
C ARG B 70 -15.84 -3.84 -13.48
N GLY B 71 -16.40 -3.86 -12.27
CA GLY B 71 -17.38 -4.87 -11.92
C GLY B 71 -18.63 -4.73 -12.77
N PHE B 72 -19.09 -3.49 -12.93
CA PHE B 72 -20.30 -3.24 -13.74
C PHE B 72 -20.12 -3.62 -15.22
N SER B 73 -18.89 -3.46 -15.73
CA SER B 73 -18.59 -3.80 -17.11
C SER B 73 -18.64 -5.30 -17.29
N ASP B 74 -18.10 -6.04 -16.31
CA ASP B 74 -18.21 -7.50 -16.34
C ASP B 74 -19.70 -7.87 -16.32
N ASP B 75 -20.47 -7.20 -15.48
CA ASP B 75 -21.92 -7.44 -15.35
C ASP B 75 -22.66 -7.21 -16.68
N VAL B 76 -22.41 -6.08 -17.33
CA VAL B 76 -23.09 -5.74 -18.60
C VAL B 76 -22.68 -6.67 -19.73
N ALA B 77 -21.37 -6.92 -19.83
CA ALA B 77 -20.86 -7.83 -20.86
C ALA B 77 -21.48 -9.22 -20.71
N GLU B 78 -21.49 -9.72 -19.48
CA GLU B 78 -22.06 -11.02 -19.20
C GLU B 78 -23.58 -11.05 -19.34
N ARG B 79 -24.25 -9.94 -19.03
CA ARG B 79 -25.67 -9.83 -19.30
C ARG B 79 -25.93 -10.00 -20.82
N MET B 80 -25.15 -9.32 -21.64
CA MET B 80 -25.21 -9.50 -23.10
C MET B 80 -25.06 -10.97 -23.47
N ARG B 81 -23.97 -11.60 -23.01
CA ARG B 81 -23.78 -13.04 -23.22
C ARG B 81 -25.03 -13.85 -22.87
N ALA B 82 -25.66 -13.50 -21.75
CA ALA B 82 -26.81 -14.25 -21.24
C ALA B 82 -28.03 -14.10 -22.13
N VAL B 83 -28.13 -12.97 -22.83
CA VAL B 83 -29.25 -12.73 -23.73
C VAL B 83 -28.91 -12.87 -25.23
N GLY B 84 -27.76 -13.49 -25.53
CA GLY B 84 -27.45 -13.83 -26.93
C GLY B 84 -26.54 -12.86 -27.65
N GLY B 85 -26.22 -11.74 -27.00
CA GLY B 85 -25.29 -10.73 -27.51
C GLY B 85 -23.82 -11.11 -27.41
N VAL B 86 -22.97 -10.29 -28.03
CA VAL B 86 -21.52 -10.56 -28.07
C VAL B 86 -20.75 -9.28 -27.81
N PRO B 87 -20.32 -9.05 -26.53
CA PRO B 87 -19.75 -7.76 -26.15
C PRO B 87 -18.41 -7.51 -26.79
N ASP B 88 -18.06 -6.25 -26.95
CA ASP B 88 -16.74 -5.86 -27.43
C ASP B 88 -16.16 -4.70 -26.60
N ALA B 89 -15.15 -5.00 -25.82
CA ALA B 89 -14.47 -3.97 -25.05
C ALA B 89 -12.95 -4.02 -25.27
N ARG B 90 -12.54 -4.32 -26.50
CA ARG B 90 -11.15 -4.23 -26.90
C ARG B 90 -10.73 -2.75 -26.89
N PRO B 91 -9.43 -2.46 -26.68
CA PRO B 91 -9.02 -1.05 -26.51
C PRO B 91 -9.45 -0.15 -27.68
N GLN B 92 -9.29 -0.62 -28.91
CA GLN B 92 -9.61 0.19 -30.10
C GLN B 92 -11.11 0.54 -30.12
N THR B 93 -11.94 -0.45 -29.75
CA THR B 93 -13.38 -0.28 -29.69
C THR B 93 -13.78 0.67 -28.53
N VAL B 94 -13.13 0.53 -27.39
CA VAL B 94 -13.40 1.39 -26.23
C VAL B 94 -12.94 2.83 -26.50
N ALA B 95 -11.91 2.99 -27.33
CA ALA B 95 -11.37 4.32 -27.63
C ALA B 95 -12.37 5.20 -28.38
N ALA B 96 -13.39 4.59 -28.97
CA ALA B 96 -14.43 5.36 -29.63
C ALA B 96 -15.46 5.95 -28.64
N SER B 97 -15.35 5.60 -27.35
CA SER B 97 -16.22 6.22 -26.34
C SER B 97 -16.14 7.75 -26.35
N ARG B 98 -17.29 8.40 -26.19
CA ARG B 98 -17.33 9.85 -26.18
C ARG B 98 -17.50 10.48 -24.78
N ILE B 99 -17.24 9.71 -23.72
CA ILE B 99 -17.47 10.21 -22.35
C ILE B 99 -16.51 11.32 -21.94
N GLY B 100 -15.34 11.35 -22.56
CA GLY B 100 -14.35 12.34 -22.18
C GLY B 100 -13.00 11.69 -21.89
N ASP B 101 -11.99 12.53 -21.78
CA ASP B 101 -10.62 12.07 -21.70
C ASP B 101 -9.90 13.00 -20.74
N VAL B 102 -9.15 12.40 -19.82
CA VAL B 102 -8.46 13.11 -18.76
C VAL B 102 -7.09 13.66 -19.21
N GLY B 103 -6.66 13.25 -20.41
CA GLY B 103 -5.37 13.67 -20.95
C GLY B 103 -4.22 12.80 -20.44
N PRO B 104 -3.00 12.99 -21.00
CA PRO B 104 -1.85 12.18 -20.62
C PRO B 104 -0.99 12.77 -19.51
N ASP B 105 -1.31 13.96 -19.01
CA ASP B 105 -0.38 14.66 -18.13
C ASP B 105 -0.78 14.68 -16.66
N GLU B 106 0.16 15.13 -15.83
CA GLU B 106 -0.18 15.45 -14.44
C GLU B 106 -1.37 16.39 -14.47
N ILE B 107 -2.32 16.13 -13.57
CA ILE B 107 -3.58 16.88 -13.53
C ILE B 107 -3.86 17.36 -12.12
N ASP B 108 -4.13 18.66 -11.99
CA ASP B 108 -4.44 19.23 -10.70
C ASP B 108 -5.68 18.50 -10.12
N THR B 109 -5.68 18.30 -8.80
CA THR B 109 -6.79 17.58 -8.13
C THR B 109 -8.18 18.22 -8.36
N ARG B 110 -8.29 19.54 -8.13
CA ARG B 110 -9.53 20.29 -8.43
C ARG B 110 -10.02 20.12 -9.86
N ALA B 111 -9.09 20.14 -10.81
CA ALA B 111 -9.43 19.97 -12.22
C ALA B 111 -9.88 18.55 -12.47
N CYS B 112 -9.20 17.58 -11.84
CA CYS B 112 -9.55 16.18 -12.02
C CYS B 112 -10.97 15.88 -11.53
N VAL B 113 -11.33 16.45 -10.39
CA VAL B 113 -12.69 16.33 -9.85
C VAL B 113 -13.75 16.72 -10.89
N GLU B 114 -13.54 17.87 -11.51
CA GLU B 114 -14.45 18.38 -12.54
C GLU B 114 -14.52 17.42 -13.71
N ALA B 115 -13.37 16.98 -14.21
CA ALA B 115 -13.35 16.09 -15.37
C ALA B 115 -14.04 14.75 -15.09
N ILE B 116 -13.68 14.12 -13.97
CA ILE B 116 -14.19 12.79 -13.68
C ILE B 116 -15.71 12.83 -13.44
N VAL B 117 -16.20 13.84 -12.74
CA VAL B 117 -17.66 14.03 -12.61
C VAL B 117 -18.32 14.06 -13.98
N ALA B 118 -17.72 14.78 -14.93
CA ALA B 118 -18.29 14.81 -16.29
C ALA B 118 -18.26 13.45 -16.97
N LEU B 119 -17.14 12.72 -16.82
CA LEU B 119 -17.03 11.37 -17.39
C LEU B 119 -18.10 10.43 -16.83
N VAL B 120 -18.29 10.47 -15.51
CA VAL B 120 -19.31 9.67 -14.84
C VAL B 120 -20.71 10.05 -15.34
N ARG B 121 -21.03 11.34 -15.36
CA ARG B 121 -22.33 11.82 -15.87
C ARG B 121 -22.61 11.45 -17.34
N HIS B 122 -21.56 11.44 -18.16
CA HIS B 122 -21.69 11.00 -19.55
C HIS B 122 -22.04 9.52 -19.65
N THR B 123 -21.35 8.71 -18.85
CA THR B 123 -21.62 7.27 -18.77
C THR B 123 -23.06 7.06 -18.30
N VAL B 124 -23.48 7.83 -17.29
CA VAL B 124 -24.86 7.76 -16.81
C VAL B 124 -25.85 8.20 -17.90
N ASP B 125 -25.46 9.20 -18.67
CA ASP B 125 -26.31 9.67 -19.77
C ASP B 125 -26.62 8.53 -20.72
N THR B 126 -25.60 7.79 -21.13
CA THR B 126 -25.80 6.62 -22.00
C THR B 126 -26.85 5.65 -21.43
N ILE B 127 -26.71 5.33 -20.14
CA ILE B 127 -27.61 4.40 -19.46
C ILE B 127 -29.07 4.88 -19.46
N ARG B 128 -29.27 6.12 -19.05
CA ARG B 128 -30.61 6.69 -19.01
C ARG B 128 -31.24 6.79 -20.41
N ARG B 129 -30.40 6.93 -21.44
CA ARG B 129 -30.89 6.99 -22.82
CA ARG B 129 -30.86 6.98 -22.83
C ARG B 129 -31.30 5.60 -23.33
N VAL B 130 -30.47 4.59 -23.13
CA VAL B 130 -30.82 3.24 -23.58
C VAL B 130 -31.93 2.58 -22.73
N HIS B 131 -32.22 3.18 -21.57
CA HIS B 131 -33.02 2.52 -20.53
C HIS B 131 -34.44 2.12 -20.94
N ASP B 132 -35.23 3.08 -21.41
CA ASP B 132 -36.67 2.87 -21.64
C ASP B 132 -36.96 1.73 -22.59
N PRO B 133 -36.26 1.70 -23.76
CA PRO B 133 -36.49 0.60 -24.71
C PRO B 133 -35.96 -0.76 -24.21
N ILE B 134 -34.92 -0.75 -23.38
CA ILE B 134 -34.45 -1.98 -22.73
C ILE B 134 -35.45 -2.49 -21.69
N ASP B 135 -35.96 -1.57 -20.87
CA ASP B 135 -36.96 -1.93 -19.87
C ASP B 135 -38.27 -2.46 -20.48
N ALA B 136 -38.72 -1.84 -21.58
CA ALA B 136 -39.89 -2.32 -22.32
C ALA B 136 -39.69 -3.75 -22.83
N GLU B 137 -38.46 -4.08 -23.21
CA GLU B 137 -38.16 -5.40 -23.75
C GLU B 137 -37.75 -6.45 -22.69
N ASP B 138 -36.94 -6.01 -21.72
CA ASP B 138 -36.33 -6.92 -20.74
C ASP B 138 -36.15 -6.22 -19.40
N PRO B 139 -37.22 -6.19 -18.59
CA PRO B 139 -37.21 -5.55 -17.27
C PRO B 139 -36.02 -5.97 -16.39
N ALA B 140 -35.62 -7.25 -16.49
CA ALA B 140 -34.44 -7.74 -15.75
C ALA B 140 -33.16 -7.00 -16.11
N SER B 141 -32.94 -6.74 -17.41
CA SER B 141 -31.75 -6.04 -17.86
C SER B 141 -31.75 -4.60 -17.36
N ALA B 142 -32.93 -4.01 -17.26
CA ALA B 142 -33.10 -2.64 -16.78
C ALA B 142 -32.86 -2.54 -15.28
N ASP B 143 -33.14 -3.62 -14.57
CA ASP B 143 -32.84 -3.63 -13.16
C ASP B 143 -31.32 -3.53 -12.92
N LEU B 144 -30.55 -4.27 -13.71
CA LEU B 144 -29.09 -4.17 -13.67
C LEU B 144 -28.67 -2.71 -13.86
N LEU B 145 -29.20 -2.08 -14.92
CA LEU B 145 -28.94 -0.67 -15.19
C LEU B 145 -29.30 0.25 -14.01
N HIS B 146 -30.36 -0.05 -13.28
CA HIS B 146 -30.69 0.74 -12.07
C HIS B 146 -29.59 0.67 -11.02
N ALA B 147 -29.04 -0.53 -10.79
CA ALA B 147 -27.95 -0.68 -9.83
C ALA B 147 -26.73 0.17 -10.25
N ILE B 148 -26.41 0.12 -11.55
CA ILE B 148 -25.29 0.88 -12.09
C ILE B 148 -25.54 2.38 -11.91
N THR B 149 -26.75 2.81 -12.22
CA THR B 149 -27.14 4.22 -12.14
C THR B 149 -26.98 4.72 -10.72
N LEU B 150 -27.55 3.98 -9.76
CA LEU B 150 -27.47 4.33 -8.35
C LEU B 150 -26.03 4.52 -7.87
N GLU B 151 -25.15 3.56 -8.16
CA GLU B 151 -23.76 3.62 -7.70
C GLU B 151 -22.96 4.73 -8.37
N LEU B 152 -23.09 4.83 -9.70
CA LEU B 152 -22.39 5.90 -10.42
C LEU B 152 -22.80 7.29 -9.97
N GLU B 153 -24.09 7.51 -9.79
CA GLU B 153 -24.55 8.83 -9.38
C GLU B 153 -24.16 9.14 -7.94
N LYS B 154 -24.12 8.10 -7.10
CA LYS B 154 -23.62 8.27 -5.76
C LYS B 154 -22.16 8.75 -5.84
N GLN B 155 -21.36 8.09 -6.67
CA GLN B 155 -19.95 8.46 -6.76
C GLN B 155 -19.74 9.85 -7.38
N ALA B 156 -20.56 10.19 -8.39
CA ALA B 156 -20.49 11.50 -9.00
C ALA B 156 -20.74 12.56 -7.92
N TRP B 157 -21.71 12.32 -7.04
CA TRP B 157 -21.96 13.23 -5.91
C TRP B 157 -20.78 13.32 -4.93
N MET B 158 -20.27 12.15 -4.49
CA MET B 158 -19.18 12.14 -3.51
C MET B 158 -17.92 12.83 -4.06
N ILE B 159 -17.61 12.56 -5.32
CA ILE B 159 -16.39 13.09 -5.92
C ILE B 159 -16.54 14.59 -6.15
N GLY B 160 -17.69 15.00 -6.69
CA GLY B 160 -17.93 16.41 -7.05
C GLY B 160 -18.01 17.32 -5.85
N SER B 161 -18.40 16.77 -4.70
CA SER B 161 -18.62 17.55 -3.49
C SER B 161 -17.39 18.32 -3.01
N GLU B 162 -16.20 17.79 -3.33
CA GLU B 162 -14.92 18.46 -3.04
C GLU B 162 -14.90 19.92 -3.55
N ASN B 163 -15.47 20.14 -4.73
CA ASN B 163 -15.44 21.45 -5.38
C ASN B 163 -16.70 22.30 -5.17
N ARG B 164 -17.69 21.80 -4.44
CA ARG B 164 -18.95 22.55 -4.26
C ARG B 164 -18.97 23.50 -3.07
N SER B 165 -19.78 24.57 -3.18
CA SER B 165 -20.12 25.45 -2.03
C SER B 165 -21.62 25.28 -1.76
N PRO B 166 -22.10 25.71 -0.58
CA PRO B 166 -23.54 25.61 -0.36
C PRO B 166 -24.32 26.37 -1.43
N ARG B 167 -25.34 25.72 -2.00
CA ARG B 167 -26.15 26.30 -3.05
C ARG B 167 -26.86 27.56 -2.57
N ARG B 168 -27.26 28.40 -3.53
CA ARG B 168 -28.10 29.54 -3.21
C ARG B 168 -29.53 29.05 -3.05
N ARG B 169 -30.06 29.22 -1.83
CA ARG B 169 -31.42 28.81 -1.50
C ARG B 169 -32.47 29.87 -1.87
N THR C 1 18.66 -40.63 19.24
CA THR C 1 19.68 -39.70 18.69
C THR C 1 20.01 -38.57 19.67
N THR C 2 21.27 -38.56 20.10
CA THR C 2 21.81 -37.59 21.05
C THR C 2 22.58 -36.52 20.29
N ILE C 3 23.10 -35.53 21.03
CA ILE C 3 23.97 -34.50 20.45
C ILE C 3 25.19 -35.18 19.81
N HIS C 4 25.78 -36.11 20.55
CA HIS C 4 26.94 -36.85 20.11
CA HIS C 4 26.95 -36.84 20.11
C HIS C 4 26.74 -37.45 18.72
N ASP C 5 25.58 -38.09 18.52
CA ASP C 5 25.25 -38.71 17.22
C ASP C 5 25.34 -37.71 16.07
N VAL C 6 24.89 -36.50 16.38
CA VAL C 6 24.81 -35.40 15.43
C VAL C 6 26.22 -34.85 15.11
N GLN C 7 27.03 -34.65 16.13
CA GLN C 7 28.43 -34.23 15.95
C GLN C 7 29.26 -35.17 15.07
N THR C 8 29.16 -36.48 15.32
CA THR C 8 29.99 -37.45 14.57
C THR C 8 29.59 -37.55 13.08
N THR C 9 28.32 -37.28 12.76
CA THR C 9 27.90 -37.15 11.37
C THR C 9 28.30 -35.76 10.78
N GLY C 10 28.67 -34.82 11.65
CA GLY C 10 29.01 -33.46 11.21
C GLY C 10 27.79 -32.65 10.79
N LEU C 11 26.63 -33.00 11.34
CA LEU C 11 25.39 -32.28 11.12
C LEU C 11 25.20 -31.27 12.25
N THR C 12 26.08 -30.25 12.30
CA THR C 12 25.98 -29.17 13.31
C THR C 12 26.21 -27.77 12.72
N GLN C 13 25.98 -26.75 13.55
CA GLN C 13 26.20 -25.35 13.18
C GLN C 13 27.70 -25.08 13.00
N ASP C 14 28.51 -25.75 13.82
CA ASP C 14 29.98 -25.64 13.77
C ASP C 14 30.61 -26.25 12.50
N ALA C 15 30.14 -27.43 12.10
CA ALA C 15 30.67 -28.12 10.92
C ALA C 15 30.15 -27.52 9.62
N VAL C 16 28.87 -27.17 9.61
CA VAL C 16 28.22 -26.66 8.41
C VAL C 16 27.88 -25.20 8.68
N THR C 17 28.80 -24.31 8.33
CA THR C 17 28.59 -22.88 8.53
C THR C 17 27.73 -22.33 7.37
N GLY C 18 27.01 -21.26 7.65
CA GLY C 18 26.18 -20.64 6.61
C GLY C 18 26.97 -19.55 5.94
N PHE C 19 26.27 -18.72 5.18
CA PHE C 19 26.86 -17.51 4.63
C PHE C 19 27.21 -16.56 5.78
N ASP C 20 28.44 -16.05 5.73
CA ASP C 20 28.94 -15.13 6.74
C ASP C 20 29.27 -13.82 6.04
N ALA C 21 28.42 -12.83 6.25
CA ALA C 21 28.57 -11.50 5.64
C ALA C 21 29.89 -10.85 6.05
N SER C 22 30.45 -10.07 5.14
CA SER C 22 31.60 -9.22 5.44
C SER C 22 31.17 -8.14 6.42
N SER C 23 32.13 -7.53 7.10
CA SER C 23 31.83 -6.46 8.06
C SER C 23 31.28 -5.22 7.35
N ARG C 24 31.70 -5.04 6.09
CA ARG C 24 31.16 -4.00 5.23
C ARG C 24 29.64 -4.19 4.99
N LEU C 25 29.25 -5.40 4.59
CA LEU C 25 27.83 -5.75 4.39
C LEU C 25 27.02 -5.44 5.63
N ASN C 26 27.44 -5.98 6.77
CA ASN C 26 26.77 -5.75 8.03
C ASN C 26 26.66 -4.28 8.41
N ALA C 27 27.77 -3.55 8.22
CA ALA C 27 27.79 -2.11 8.46
C ALA C 27 26.80 -1.37 7.56
N GLY C 28 26.74 -1.79 6.29
CA GLY C 28 25.81 -1.20 5.33
C GLY C 28 24.37 -1.43 5.74
N LEU C 29 24.05 -2.66 6.17
CA LEU C 29 22.69 -2.95 6.65
C LEU C 29 22.37 -2.19 7.94
N GLN C 30 23.38 -2.05 8.81
CA GLN C 30 23.20 -1.28 10.07
C GLN C 30 22.86 0.18 9.81
N GLU C 31 23.47 0.79 8.80
CA GLU C 31 23.11 2.17 8.45
C GLU C 31 21.65 2.24 8.04
N VAL C 32 21.22 1.26 7.24
CA VAL C 32 19.84 1.23 6.74
C VAL C 32 18.86 1.05 7.90
N LEU C 33 19.20 0.13 8.81
CA LEU C 33 18.39 -0.06 10.02
C LEU C 33 18.23 1.24 10.83
N VAL C 34 19.33 1.98 11.02
CA VAL C 34 19.31 3.19 11.84
C VAL C 34 18.37 4.21 11.21
N ASP C 35 18.49 4.38 9.89
CA ASP C 35 17.67 5.36 9.21
C ASP C 35 16.19 4.93 9.18
N LEU C 36 15.93 3.64 8.97
CA LEU C 36 14.54 3.15 9.01
C LEU C 36 13.87 3.36 10.37
N THR C 37 14.62 3.14 11.44
CA THR C 37 14.08 3.29 12.80
C THR C 37 13.86 4.76 13.13
N ALA C 38 14.81 5.61 12.69
CA ALA C 38 14.64 7.05 12.78
C ALA C 38 13.40 7.50 12.02
N LEU C 39 13.20 6.92 10.83
CA LEU C 39 12.06 7.27 10.02
C LEU C 39 10.72 7.01 10.75
N HIS C 40 10.56 5.85 11.40
CA HIS C 40 9.27 5.59 12.04
C HIS C 40 9.07 6.35 13.32
N LEU C 41 10.17 6.69 14.00
CA LEU C 41 10.05 7.52 15.21
C LEU C 41 9.64 8.96 14.84
N GLN C 42 10.28 9.50 13.81
CA GLN C 42 9.94 10.82 13.31
C GLN C 42 8.52 10.82 12.73
N GLY C 43 8.18 9.74 12.01
CA GLY C 43 6.85 9.56 11.45
C GLY C 43 5.76 9.64 12.51
N LYS C 44 5.95 8.93 13.64
CA LYS C 44 4.98 8.97 14.74
C LYS C 44 4.87 10.39 15.39
N GLN C 45 6.03 11.02 15.61
CA GLN C 45 6.06 12.40 16.11
C GLN C 45 5.15 13.30 15.26
N ALA C 46 5.33 13.26 13.95
CA ALA C 46 4.54 13.99 12.97
C ALA C 46 3.04 13.60 12.98
N HIS C 47 2.80 12.28 12.99
CA HIS C 47 1.44 11.67 13.08
C HIS C 47 0.61 12.33 14.18
N TRP C 48 1.23 12.58 15.34
CA TRP C 48 0.56 13.19 16.48
C TRP C 48 0.40 14.72 16.35
N ASN C 49 1.42 15.37 15.80
CA ASN C 49 1.58 16.82 15.94
C ASN C 49 1.22 17.67 14.72
N ILE C 50 0.81 17.05 13.62
CA ILE C 50 0.32 17.79 12.46
C ILE C 50 -0.99 18.52 12.78
N VAL C 51 -1.10 19.74 12.25
CA VAL C 51 -2.31 20.56 12.33
C VAL C 51 -2.52 21.26 10.99
N GLY C 52 -3.77 21.42 10.58
CA GLY C 52 -4.04 22.14 9.34
C GLY C 52 -4.72 21.32 8.27
N GLU C 53 -4.77 21.89 7.07
CA GLU C 53 -5.57 21.38 5.95
C GLU C 53 -5.18 19.95 5.58
N ASN C 54 -6.19 19.17 5.18
CA ASN C 54 -6.09 17.74 4.91
C ASN C 54 -5.41 16.96 6.00
N TRP C 55 -5.88 17.16 7.22
CA TRP C 55 -5.28 16.57 8.38
C TRP C 55 -5.33 15.04 8.37
N ARG C 56 -6.54 14.51 8.15
CA ARG C 56 -6.80 13.09 8.34
C ARG C 56 -6.01 12.20 7.38
N ASP C 57 -6.03 12.55 6.09
CA ASP C 57 -5.25 11.87 5.06
C ASP C 57 -3.78 11.81 5.46
N LEU C 58 -3.23 12.92 5.96
CA LEU C 58 -1.81 12.93 6.33
C LEU C 58 -1.56 12.09 7.58
N HIS C 59 -2.42 12.23 8.58
CA HIS C 59 -2.38 11.41 9.81
C HIS C 59 -2.31 9.91 9.46
N LEU C 60 -3.18 9.50 8.55
CA LEU C 60 -3.28 8.11 8.11
C LEU C 60 -2.06 7.65 7.30
N GLN C 61 -1.62 8.46 6.34
CA GLN C 61 -0.51 8.09 5.48
CA GLN C 61 -0.53 8.03 5.50
C GLN C 61 0.78 8.02 6.28
N LEU C 62 0.90 8.88 7.29
CA LEU C 62 2.05 8.82 8.18
C LEU C 62 2.07 7.50 8.96
N ASP C 63 0.90 7.00 9.39
CA ASP C 63 0.82 5.68 10.04
C ASP C 63 1.22 4.54 9.09
N THR C 64 0.83 4.66 7.82
CA THR C 64 1.19 3.68 6.80
C THR C 64 2.73 3.63 6.61
N LEU C 65 3.36 4.81 6.56
CA LEU C 65 4.82 4.90 6.48
C LEU C 65 5.48 4.32 7.74
N VAL C 66 4.99 4.75 8.90
CA VAL C 66 5.43 4.18 10.17
C VAL C 66 5.38 2.63 10.17
N GLU C 67 4.21 2.08 9.80
CA GLU C 67 4.06 0.62 9.72
C GLU C 67 5.10 -0.04 8.79
N ALA C 68 5.29 0.55 7.61
CA ALA C 68 6.25 0.05 6.64
C ALA C 68 7.70 0.10 7.20
N ALA C 69 8.08 1.24 7.76
CA ALA C 69 9.44 1.43 8.29
C ALA C 69 9.71 0.47 9.46
N ARG C 70 8.69 0.27 10.29
CA ARG C 70 8.81 -0.63 11.42
C ARG C 70 9.05 -2.06 10.92
N GLY C 71 8.27 -2.47 9.92
CA GLY C 71 8.40 -3.83 9.38
C GLY C 71 9.74 -4.03 8.67
N PHE C 72 10.13 -3.03 7.89
CA PHE C 72 11.39 -3.07 7.17
C PHE C 72 12.60 -3.09 8.10
N SER C 73 12.51 -2.37 9.22
CA SER C 73 13.57 -2.38 10.24
C SER C 73 13.73 -3.78 10.81
N ASP C 74 12.60 -4.41 11.09
CA ASP C 74 12.63 -5.77 11.60
C ASP C 74 13.30 -6.71 10.59
N ASP C 75 12.97 -6.53 9.31
CA ASP C 75 13.51 -7.34 8.23
C ASP C 75 15.03 -7.17 8.08
N VAL C 76 15.51 -5.92 8.14
CA VAL C 76 16.93 -5.62 7.98
C VAL C 76 17.73 -6.16 9.15
N ALA C 77 17.24 -5.88 10.35
CA ALA C 77 17.87 -6.33 11.56
C ALA C 77 18.00 -7.85 11.59
N GLU C 78 16.93 -8.53 11.22
CA GLU C 78 16.94 -9.97 11.18
C GLU C 78 17.75 -10.52 9.98
N ARG C 79 17.80 -9.76 8.87
CA ARG C 79 18.66 -10.14 7.80
C ARG C 79 20.11 -10.17 8.33
N MET C 80 20.46 -9.14 9.09
CA MET C 80 21.78 -9.04 9.71
C MET C 80 22.02 -10.29 10.58
N ARG C 81 21.03 -10.64 11.43
CA ARG C 81 21.14 -11.83 12.27
C ARG C 81 21.40 -13.06 11.42
N ALA C 82 20.71 -13.17 10.30
CA ALA C 82 20.79 -14.36 9.47
C ALA C 82 22.20 -14.51 8.85
N VAL C 83 22.91 -13.39 8.73
CA VAL C 83 24.21 -13.42 8.07
C VAL C 83 25.42 -13.22 8.99
N GLY C 84 25.19 -13.22 10.30
CA GLY C 84 26.30 -13.14 11.26
C GLY C 84 26.46 -11.78 11.93
N GLY C 85 25.62 -10.82 11.55
CA GLY C 85 25.70 -9.45 12.10
C GLY C 85 24.89 -9.25 13.37
N VAL C 86 25.18 -8.15 14.07
CA VAL C 86 24.50 -7.85 15.33
C VAL C 86 23.96 -6.43 15.24
N PRO C 87 22.63 -6.29 15.00
CA PRO C 87 22.04 -4.97 14.76
C PRO C 87 21.94 -4.15 16.03
N ASP C 88 21.92 -2.83 15.89
CA ASP C 88 21.66 -1.93 17.01
C ASP C 88 20.66 -0.83 16.61
N ALA C 89 19.51 -0.81 17.26
CA ALA C 89 18.51 0.23 17.04
C ALA C 89 17.99 0.79 18.38
N ARG C 90 18.88 0.85 19.38
CA ARG C 90 18.54 1.54 20.64
C ARG C 90 18.43 3.04 20.36
N PRO C 91 17.63 3.77 21.16
CA PRO C 91 17.35 5.18 20.84
C PRO C 91 18.61 6.06 20.69
N GLN C 92 19.61 5.84 21.53
CA GLN C 92 20.85 6.64 21.48
C GLN C 92 21.61 6.41 20.17
N THR C 93 21.52 5.21 19.64
CA THR C 93 22.15 4.85 18.37
C THR C 93 21.37 5.43 17.18
N VAL C 94 20.05 5.26 17.21
CA VAL C 94 19.16 5.81 16.21
C VAL C 94 19.22 7.34 16.14
N ALA C 95 19.43 7.98 17.30
CA ALA C 95 19.52 9.45 17.39
C ALA C 95 20.67 10.02 16.58
N ALA C 96 21.67 9.20 16.27
CA ALA C 96 22.76 9.64 15.39
C ALA C 96 22.37 9.66 13.91
N SER C 97 21.14 9.24 13.58
CA SER C 97 20.69 9.30 12.19
C SER C 97 20.71 10.72 11.64
N ARG C 98 21.01 10.86 10.34
CA ARG C 98 21.03 12.19 9.71
C ARG C 98 19.89 12.40 8.72
N ILE C 99 18.80 11.65 8.85
CA ILE C 99 17.71 11.79 7.89
C ILE C 99 16.94 13.09 8.07
N GLY C 100 17.01 13.65 9.27
CA GLY C 100 16.31 14.89 9.56
C GLY C 100 15.40 14.74 10.76
N ASP C 101 14.82 15.84 11.20
CA ASP C 101 14.03 15.92 12.41
C ASP C 101 12.82 16.83 12.16
N VAL C 102 11.66 16.41 12.67
CA VAL C 102 10.41 17.19 12.51
C VAL C 102 10.16 18.19 13.63
N GLY C 103 11.01 18.19 14.64
CA GLY C 103 10.89 19.12 15.75
C GLY C 103 9.90 18.69 16.82
N PRO C 104 9.88 19.42 17.94
CA PRO C 104 9.08 19.08 19.12
C PRO C 104 7.69 19.70 19.10
N ASP C 105 7.42 20.54 18.11
CA ASP C 105 6.23 21.40 18.10
C ASP C 105 5.16 20.88 17.14
N GLU C 106 3.96 21.41 17.29
CA GLU C 106 2.92 21.26 16.31
C GLU C 106 3.47 21.74 14.99
N ILE C 107 3.14 21.03 13.92
CA ILE C 107 3.68 21.31 12.60
C ILE C 107 2.51 21.44 11.63
N ASP C 108 2.55 22.48 10.79
CA ASP C 108 1.55 22.64 9.72
C ASP C 108 1.61 21.47 8.74
N THR C 109 0.44 21.02 8.25
CA THR C 109 0.40 19.83 7.39
C THR C 109 1.23 19.97 6.12
N ARG C 110 1.15 21.14 5.48
CA ARG C 110 1.96 21.41 4.31
C ARG C 110 3.45 21.39 4.63
N ALA C 111 3.84 21.91 5.80
CA ALA C 111 5.25 21.89 6.21
C ALA C 111 5.69 20.43 6.45
N CYS C 112 4.78 19.65 7.04
CA CYS C 112 5.06 18.23 7.34
C CYS C 112 5.25 17.37 6.10
N VAL C 113 4.44 17.60 5.06
CA VAL C 113 4.62 16.90 3.79
C VAL C 113 6.04 17.06 3.24
N GLU C 114 6.52 18.32 3.27
CA GLU C 114 7.83 18.65 2.77
C GLU C 114 8.92 17.92 3.56
N ALA C 115 8.85 18.03 4.87
CA ALA C 115 9.85 17.48 5.77
C ALA C 115 9.87 15.95 5.67
N ILE C 116 8.69 15.32 5.69
CA ILE C 116 8.63 13.86 5.65
C ILE C 116 9.13 13.32 4.32
N VAL C 117 8.82 13.98 3.20
CA VAL C 117 9.38 13.57 1.92
C VAL C 117 10.93 13.57 1.96
N ALA C 118 11.50 14.60 2.59
CA ALA C 118 12.96 14.71 2.76
C ALA C 118 13.53 13.58 3.64
N LEU C 119 12.89 13.31 4.78
CA LEU C 119 13.32 12.20 5.64
C LEU C 119 13.30 10.87 4.92
N VAL C 120 12.26 10.66 4.11
CA VAL C 120 12.12 9.42 3.35
C VAL C 120 13.21 9.35 2.27
N ARG C 121 13.44 10.46 1.58
CA ARG C 121 14.45 10.48 0.52
C ARG C 121 15.85 10.27 1.08
N HIS C 122 16.12 10.82 2.25
CA HIS C 122 17.42 10.61 2.92
C HIS C 122 17.62 9.13 3.29
N THR C 123 16.54 8.48 3.76
CA THR C 123 16.58 7.05 4.05
C THR C 123 16.86 6.25 2.79
N VAL C 124 16.14 6.55 1.70
CA VAL C 124 16.39 5.89 0.41
C VAL C 124 17.83 6.12 -0.11
N ASP C 125 18.36 7.32 0.11
CA ASP C 125 19.74 7.66 -0.27
C ASP C 125 20.76 6.69 0.35
N THR C 126 20.61 6.44 1.65
CA THR C 126 21.43 5.46 2.35
C THR C 126 21.39 4.09 1.71
N ILE C 127 20.19 3.61 1.41
CA ILE C 127 20.00 2.33 0.77
C ILE C 127 20.69 2.30 -0.59
N ARG C 128 20.49 3.36 -1.38
CA ARG C 128 21.06 3.40 -2.73
C ARG C 128 22.59 3.46 -2.70
N ARG C 129 23.14 4.18 -1.73
CA ARG C 129 24.58 4.27 -1.53
C ARG C 129 25.20 2.91 -1.16
N VAL C 130 24.58 2.16 -0.23
CA VAL C 130 25.14 0.88 0.24
C VAL C 130 24.79 -0.27 -0.71
N HIS C 131 23.89 -0.03 -1.66
CA HIS C 131 23.35 -1.08 -2.51
C HIS C 131 24.40 -1.89 -3.29
N ASP C 132 25.19 -1.22 -4.13
CA ASP C 132 26.04 -1.93 -5.09
C ASP C 132 27.03 -2.91 -4.48
N PRO C 133 27.75 -2.51 -3.40
CA PRO C 133 28.69 -3.46 -2.78
C PRO C 133 27.96 -4.61 -2.06
N ILE C 134 26.77 -4.31 -1.54
CA ILE C 134 25.92 -5.34 -0.93
C ILE C 134 25.48 -6.33 -2.00
N ASP C 135 25.02 -5.81 -3.15
CA ASP C 135 24.60 -6.65 -4.28
C ASP C 135 25.74 -7.55 -4.81
N ALA C 136 26.93 -6.97 -4.90
CA ALA C 136 28.12 -7.69 -5.35
C ALA C 136 28.40 -8.91 -4.47
N GLU C 137 28.30 -8.71 -3.15
CA GLU C 137 28.63 -9.75 -2.18
C GLU C 137 27.48 -10.75 -1.99
N ASP C 138 26.24 -10.23 -1.88
CA ASP C 138 25.08 -11.04 -1.48
C ASP C 138 23.78 -10.52 -2.14
N PRO C 139 23.48 -10.98 -3.36
CA PRO C 139 22.32 -10.57 -4.15
C PRO C 139 20.99 -10.73 -3.38
N ALA C 140 20.88 -11.73 -2.52
CA ALA C 140 19.67 -11.88 -1.67
C ALA C 140 19.42 -10.69 -0.75
N SER C 141 20.49 -10.17 -0.15
CA SER C 141 20.39 -8.99 0.73
C SER C 141 19.96 -7.76 -0.07
N ALA C 142 20.50 -7.63 -1.29
CA ALA C 142 20.12 -6.56 -2.20
C ALA C 142 18.66 -6.67 -2.63
N ASP C 143 18.13 -7.88 -2.77
CA ASP C 143 16.70 -8.04 -3.09
C ASP C 143 15.79 -7.49 -1.99
N LEU C 144 16.19 -7.69 -0.72
CA LEU C 144 15.49 -7.04 0.39
C LEU C 144 15.52 -5.51 0.23
N LEU C 145 16.71 -4.96 -0.03
CA LEU C 145 16.83 -3.53 -0.25
C LEU C 145 15.94 -3.02 -1.38
N HIS C 146 15.81 -3.79 -2.46
CA HIS C 146 14.92 -3.44 -3.57
C HIS C 146 13.48 -3.33 -3.12
N ALA C 147 13.02 -4.25 -2.29
CA ALA C 147 11.64 -4.22 -1.81
C ALA C 147 11.41 -2.95 -0.98
N ILE C 148 12.40 -2.62 -0.16
CA ILE C 148 12.35 -1.44 0.71
C ILE C 148 12.35 -0.17 -0.14
N THR C 149 13.20 -0.15 -1.16
CA THR C 149 13.29 0.98 -2.09
C THR C 149 11.95 1.25 -2.78
N LEU C 150 11.36 0.21 -3.37
CA LEU C 150 10.07 0.33 -4.05
C LEU C 150 9.00 0.96 -3.16
N GLU C 151 8.90 0.47 -1.92
CA GLU C 151 7.84 0.91 -1.02
C GLU C 151 8.11 2.32 -0.46
N LEU C 152 9.34 2.59 -0.04
CA LEU C 152 9.67 3.93 0.42
C LEU C 152 9.49 4.97 -0.69
N GLU C 153 9.93 4.64 -1.90
CA GLU C 153 9.81 5.60 -3.00
C GLU C 153 8.34 5.79 -3.43
N LYS C 154 7.56 4.70 -3.31
CA LYS C 154 6.12 4.81 -3.54
C LYS C 154 5.53 5.78 -2.53
N GLN C 155 5.86 5.61 -1.26
CA GLN C 155 5.28 6.46 -0.23
C GLN C 155 5.68 7.93 -0.37
N ALA C 156 6.95 8.18 -0.72
CA ALA C 156 7.43 9.55 -0.92
C ALA C 156 6.62 10.28 -2.01
N TRP C 157 6.33 9.58 -3.09
CA TRP C 157 5.48 10.10 -4.14
C TRP C 157 4.06 10.43 -3.63
N MET C 158 3.43 9.48 -2.95
CA MET C 158 2.06 9.66 -2.47
CA MET C 158 2.06 9.65 -2.45
C MET C 158 1.94 10.82 -1.49
N ILE C 159 2.84 10.89 -0.53
CA ILE C 159 2.84 11.96 0.45
C ILE C 159 3.15 13.31 -0.24
N GLY C 160 4.17 13.31 -1.10
CA GLY C 160 4.68 14.58 -1.67
C GLY C 160 3.72 15.22 -2.65
N SER C 161 2.93 14.38 -3.30
CA SER C 161 1.97 14.79 -4.31
C SER C 161 0.94 15.81 -3.79
N GLU C 162 0.64 15.78 -2.48
CA GLU C 162 -0.22 16.77 -1.84
C GLU C 162 0.21 18.22 -2.15
N ASN C 163 1.52 18.44 -2.24
CA ASN C 163 2.07 19.80 -2.41
C ASN C 163 2.52 20.11 -3.83
N ARG C 164 2.27 19.19 -4.77
CA ARG C 164 2.72 19.38 -6.15
C ARG C 164 1.68 19.99 -7.07
N SER C 165 2.16 20.67 -8.10
CA SER C 165 1.32 21.16 -9.18
C SER C 165 1.87 20.53 -10.48
N PRO C 166 1.05 20.49 -11.55
CA PRO C 166 1.57 19.78 -12.72
C PRO C 166 2.89 20.40 -13.19
N ARG C 167 3.83 19.55 -13.63
CA ARG C 167 5.13 20.01 -14.08
C ARG C 167 4.99 20.83 -15.35
N ARG C 168 5.90 21.78 -15.53
CA ARG C 168 5.98 22.50 -16.79
C ARG C 168 6.44 21.48 -17.84
N ARG C 169 5.57 21.19 -18.79
CA ARG C 169 5.95 20.38 -19.94
C ARG C 169 6.52 21.26 -21.02
N THR D 2 -22.35 28.62 6.37
CA THR D 2 -20.94 29.04 6.09
C THR D 2 -20.26 29.18 7.44
N ILE D 3 -18.96 29.50 7.38
CA ILE D 3 -18.14 29.67 8.59
C ILE D 3 -18.64 30.85 9.45
N HIS D 4 -19.11 31.90 8.78
CA HIS D 4 -19.70 33.04 9.44
C HIS D 4 -21.04 32.66 10.12
N ASP D 5 -21.87 31.87 9.43
CA ASP D 5 -23.09 31.29 10.01
C ASP D 5 -22.81 30.59 11.34
N VAL D 6 -21.75 29.78 11.33
CA VAL D 6 -21.30 28.96 12.46
C VAL D 6 -20.77 29.85 13.60
N GLN D 7 -19.98 30.86 13.24
CA GLN D 7 -19.51 31.86 14.20
C GLN D 7 -20.64 32.63 14.92
N THR D 8 -21.71 32.96 14.19
CA THR D 8 -22.86 33.72 14.74
C THR D 8 -23.61 32.94 15.82
N THR D 9 -23.62 31.61 15.72
CA THR D 9 -24.29 30.80 16.74
C THR D 9 -23.33 30.26 17.84
N GLY D 10 -22.05 30.57 17.74
CA GLY D 10 -21.09 30.22 18.79
C GLY D 10 -20.69 28.75 18.79
N LEU D 11 -20.83 28.10 17.64
CA LEU D 11 -20.51 26.67 17.52
C LEU D 11 -19.13 26.53 16.88
N THR D 12 -18.11 26.89 17.65
CA THR D 12 -16.73 26.86 17.15
C THR D 12 -15.79 26.34 18.24
N GLN D 13 -14.63 25.84 17.81
CA GLN D 13 -13.56 25.44 18.71
C GLN D 13 -13.11 26.57 19.66
N ASP D 14 -13.16 27.80 19.16
CA ASP D 14 -12.83 28.99 19.98
C ASP D 14 -13.88 29.30 21.04
N ALA D 15 -15.15 29.37 20.61
CA ALA D 15 -16.26 29.69 21.52
C ALA D 15 -16.53 28.56 22.53
N VAL D 16 -16.44 27.32 22.05
CA VAL D 16 -16.65 26.15 22.90
C VAL D 16 -15.32 25.43 23.08
N THR D 17 -14.61 25.77 24.15
CA THR D 17 -13.30 25.18 24.40
C THR D 17 -13.43 23.76 24.96
N GLY D 18 -12.41 22.93 24.72
CA GLY D 18 -12.40 21.57 25.26
C GLY D 18 -11.82 21.54 26.65
N PHE D 19 -11.78 20.37 27.28
CA PHE D 19 -11.02 20.20 28.50
C PHE D 19 -9.56 20.50 28.18
N ASP D 20 -8.94 21.34 29.01
CA ASP D 20 -7.54 21.69 28.82
C ASP D 20 -6.72 21.13 29.95
N ALA D 21 -5.70 20.37 29.59
CA ALA D 21 -4.81 19.83 30.58
C ALA D 21 -3.86 20.91 31.06
N SER D 22 -3.46 20.81 32.32
CA SER D 22 -2.38 21.59 32.87
C SER D 22 -1.06 21.12 32.28
N SER D 23 0.01 21.91 32.48
CA SER D 23 1.34 21.48 32.07
C SER D 23 1.88 20.33 32.92
N ARG D 24 1.37 20.17 34.15
CA ARG D 24 1.74 19.00 34.96
C ARG D 24 1.10 17.69 34.44
N LEU D 25 -0.19 17.74 34.11
CA LEU D 25 -0.85 16.58 33.49
C LEU D 25 -0.08 16.17 32.24
N ASN D 26 0.12 17.13 31.33
CA ASN D 26 0.93 16.91 30.15
C ASN D 26 2.35 16.39 30.42
N ALA D 27 3.02 16.92 31.45
CA ALA D 27 4.34 16.43 31.84
C ALA D 27 4.31 14.99 32.37
N GLY D 28 3.25 14.64 33.06
CA GLY D 28 3.09 13.30 33.61
C GLY D 28 2.90 12.31 32.47
N LEU D 29 2.15 12.72 31.45
CA LEU D 29 1.90 11.81 30.29
C LEU D 29 3.12 11.70 29.39
N GLN D 30 3.83 12.81 29.19
CA GLN D 30 5.08 12.86 28.44
C GLN D 30 6.12 11.88 28.98
N GLU D 31 6.26 11.82 30.31
CA GLU D 31 7.16 10.88 30.97
C GLU D 31 6.77 9.45 30.62
N VAL D 32 5.46 9.19 30.64
CA VAL D 32 4.92 7.85 30.36
C VAL D 32 5.21 7.49 28.90
N LEU D 33 4.93 8.43 27.99
CA LEU D 33 5.27 8.27 26.59
C LEU D 33 6.76 7.93 26.36
N VAL D 34 7.66 8.71 26.98
CA VAL D 34 9.10 8.49 26.78
C VAL D 34 9.48 7.07 27.16
N ASP D 35 9.07 6.68 28.36
CA ASP D 35 9.37 5.35 28.88
C ASP D 35 8.74 4.22 28.01
N LEU D 36 7.50 4.40 27.57
CA LEU D 36 6.83 3.38 26.73
C LEU D 36 7.51 3.24 25.38
N THR D 37 7.93 4.37 24.80
CA THR D 37 8.65 4.36 23.55
C THR D 37 10.02 3.71 23.72
N ALA D 38 10.69 4.03 24.83
CA ALA D 38 12.00 3.42 25.16
C ALA D 38 11.85 1.91 25.29
N LEU D 39 10.75 1.52 25.94
CA LEU D 39 10.42 0.11 26.13
C LEU D 39 10.29 -0.69 24.82
N HIS D 40 9.56 -0.14 23.83
CA HIS D 40 9.44 -0.89 22.59
C HIS D 40 10.69 -0.91 21.74
N LEU D 41 11.50 0.14 21.82
CA LEU D 41 12.80 0.15 21.14
C LEU D 41 13.77 -0.89 21.76
N GLN D 42 13.86 -0.92 23.09
CA GLN D 42 14.68 -1.91 23.79
C GLN D 42 14.12 -3.32 23.57
N GLY D 43 12.80 -3.41 23.60
CA GLY D 43 12.11 -4.67 23.30
C GLY D 43 12.49 -5.26 21.96
N LYS D 44 12.50 -4.43 20.90
CA LYS D 44 12.93 -4.90 19.60
C LYS D 44 14.42 -5.29 19.56
N GLN D 45 15.27 -4.49 20.18
CA GLN D 45 16.69 -4.78 20.28
C GLN D 45 16.94 -6.19 20.82
N ALA D 46 16.30 -6.51 21.94
CA ALA D 46 16.37 -7.82 22.55
C ALA D 46 15.76 -8.91 21.66
N HIS D 47 14.60 -8.61 21.06
CA HIS D 47 13.88 -9.50 20.11
C HIS D 47 14.84 -10.05 19.04
N TRP D 48 15.69 -9.20 18.49
CA TRP D 48 16.67 -9.59 17.46
C TRP D 48 17.88 -10.33 18.01
N ASN D 49 18.30 -9.98 19.23
CA ASN D 49 19.65 -10.33 19.70
C ASN D 49 19.76 -11.39 20.78
N ILE D 50 18.63 -11.84 21.30
CA ILE D 50 18.62 -12.97 22.21
C ILE D 50 19.23 -14.21 21.59
N VAL D 51 19.99 -14.93 22.42
CA VAL D 51 20.54 -16.23 22.05
C VAL D 51 20.40 -17.17 23.24
N GLY D 52 20.11 -18.45 22.95
CA GLY D 52 20.06 -19.47 23.98
C GLY D 52 18.71 -20.08 24.26
N GLU D 53 18.65 -20.75 25.41
CA GLU D 53 17.58 -21.66 25.79
C GLU D 53 16.20 -21.01 25.77
N ASN D 54 15.23 -21.75 25.25
CA ASN D 54 13.86 -21.24 25.06
C ASN D 54 13.82 -19.95 24.26
N TRP D 55 14.53 -19.93 23.14
CA TRP D 55 14.69 -18.74 22.32
C TRP D 55 13.32 -18.25 21.77
N ARG D 56 12.62 -19.14 21.09
CA ARG D 56 11.39 -18.75 20.34
C ARG D 56 10.30 -18.12 21.20
N ASP D 57 9.97 -18.73 22.34
CA ASP D 57 9.00 -18.15 23.27
C ASP D 57 9.35 -16.70 23.62
N LEU D 58 10.61 -16.47 23.98
CA LEU D 58 11.05 -15.13 24.34
C LEU D 58 11.01 -14.17 23.14
N HIS D 59 11.46 -14.65 21.97
CA HIS D 59 11.39 -13.86 20.72
C HIS D 59 9.96 -13.37 20.50
N LEU D 60 9.01 -14.27 20.67
CA LEU D 60 7.61 -13.97 20.40
C LEU D 60 7.03 -13.05 21.50
N GLN D 61 7.33 -13.34 22.76
CA GLN D 61 6.78 -12.53 23.85
C GLN D 61 7.33 -11.12 23.81
N LEU D 62 8.57 -10.98 23.36
CA LEU D 62 9.17 -9.64 23.19
C LEU D 62 8.38 -8.84 22.17
N ASP D 63 7.97 -9.51 21.11
CA ASP D 63 7.20 -8.86 20.06
C ASP D 63 5.81 -8.44 20.57
N THR D 64 5.23 -9.25 21.46
CA THR D 64 3.93 -8.96 22.04
C THR D 64 4.06 -7.72 22.96
N LEU D 65 5.16 -7.65 23.71
CA LEU D 65 5.51 -6.46 24.52
C LEU D 65 5.72 -5.25 23.62
N VAL D 66 6.52 -5.40 22.57
CA VAL D 66 6.73 -4.32 21.59
C VAL D 66 5.39 -3.78 21.04
N GLU D 67 4.51 -4.69 20.59
CA GLU D 67 3.22 -4.29 20.03
C GLU D 67 2.40 -3.52 21.07
N ALA D 68 2.37 -4.03 22.30
CA ALA D 68 1.59 -3.38 23.37
C ALA D 68 2.10 -1.96 23.69
N ALA D 69 3.42 -1.85 23.87
CA ALA D 69 4.09 -0.59 24.17
C ALA D 69 3.93 0.43 23.02
N ARG D 70 4.04 -0.03 21.77
CA ARG D 70 3.77 0.83 20.61
C ARG D 70 2.33 1.39 20.62
N GLY D 71 1.33 0.52 20.73
CA GLY D 71 -0.06 0.96 20.81
C GLY D 71 -0.31 1.93 21.97
N PHE D 72 0.25 1.60 23.14
CA PHE D 72 0.07 2.41 24.35
C PHE D 72 0.72 3.79 24.22
N SER D 73 1.87 3.81 23.56
CA SER D 73 2.59 5.04 23.27
CA SER D 73 2.59 5.04 23.29
C SER D 73 1.71 5.93 22.41
N ASP D 74 1.11 5.34 21.36
CA ASP D 74 0.20 6.07 20.49
C ASP D 74 -1.03 6.60 21.29
N ASP D 75 -1.62 5.77 22.16
CA ASP D 75 -2.75 6.20 23.00
C ASP D 75 -2.34 7.40 23.89
N VAL D 76 -1.18 7.29 24.53
CA VAL D 76 -0.70 8.34 25.45
C VAL D 76 -0.42 9.66 24.72
N ALA D 77 0.35 9.61 23.64
CA ALA D 77 0.62 10.78 22.81
C ALA D 77 -0.68 11.45 22.32
N GLU D 78 -1.62 10.63 21.85
CA GLU D 78 -2.91 11.15 21.43
C GLU D 78 -3.78 11.65 22.55
N ARG D 79 -3.70 11.04 23.74
CA ARG D 79 -4.42 11.58 24.88
C ARG D 79 -3.92 13.02 25.16
N MET D 80 -2.58 13.18 25.19
CA MET D 80 -1.97 14.51 25.31
C MET D 80 -2.57 15.49 24.31
N ARG D 81 -2.51 15.13 23.03
CA ARG D 81 -3.14 15.93 21.97
C ARG D 81 -4.61 16.27 22.23
N ALA D 82 -5.38 15.32 22.77
CA ALA D 82 -6.82 15.54 22.96
C ALA D 82 -7.05 16.55 24.08
N VAL D 83 -6.11 16.64 25.01
CA VAL D 83 -6.19 17.59 26.12
C VAL D 83 -5.25 18.81 26.02
N GLY D 84 -4.70 19.09 24.85
CA GLY D 84 -3.94 20.32 24.64
C GLY D 84 -2.44 20.22 24.75
N GLY D 85 -1.91 19.05 25.08
CA GLY D 85 -0.47 18.87 25.16
C GLY D 85 0.19 18.54 23.83
N VAL D 86 1.52 18.57 23.82
CA VAL D 86 2.27 18.37 22.60
C VAL D 86 3.36 17.33 22.89
N PRO D 87 3.10 16.05 22.53
CA PRO D 87 4.03 14.97 22.87
C PRO D 87 5.38 15.07 22.15
N ASP D 88 6.42 14.48 22.74
CA ASP D 88 7.71 14.36 22.08
C ASP D 88 8.33 12.98 22.30
N ALA D 89 8.42 12.22 21.22
CA ALA D 89 9.06 10.90 21.26
C ALA D 89 10.11 10.72 20.15
N ARG D 90 10.80 11.81 19.82
CA ARG D 90 11.92 11.75 18.87
C ARG D 90 13.08 10.97 19.51
N PRO D 91 13.96 10.35 18.71
CA PRO D 91 14.92 9.42 19.32
C PRO D 91 15.81 10.06 20.42
N GLN D 92 16.27 11.27 20.17
CA GLN D 92 17.11 11.97 21.15
C GLN D 92 16.36 12.17 22.47
N THR D 93 15.07 12.49 22.39
CA THR D 93 14.22 12.71 23.56
C THR D 93 14.00 11.40 24.33
N VAL D 94 13.68 10.34 23.57
CA VAL D 94 13.47 9.01 24.13
C VAL D 94 14.77 8.41 24.73
N ALA D 95 15.92 8.79 24.18
CA ALA D 95 17.21 8.34 24.72
C ALA D 95 17.48 8.77 26.19
N ALA D 96 16.74 9.77 26.68
CA ALA D 96 16.90 10.24 28.06
C ALA D 96 16.15 9.39 29.09
N SER D 97 15.25 8.51 28.62
CA SER D 97 14.58 7.56 29.50
C SER D 97 15.57 6.82 30.39
N ARG D 98 15.19 6.61 31.64
CA ARG D 98 16.04 5.89 32.57
C ARG D 98 15.54 4.46 32.87
N ILE D 99 14.73 3.87 31.98
CA ILE D 99 14.21 2.53 32.26
C ILE D 99 15.26 1.42 32.24
N GLY D 100 16.36 1.65 31.53
CA GLY D 100 17.40 0.66 31.40
C GLY D 100 17.68 0.35 29.93
N ASP D 101 18.66 -0.50 29.70
CA ASP D 101 19.21 -0.71 28.37
C ASP D 101 19.72 -2.15 28.29
N VAL D 102 19.41 -2.84 27.20
CA VAL D 102 19.81 -4.25 27.07
C VAL D 102 21.17 -4.38 26.38
N GLY D 103 21.78 -3.23 26.10
CA GLY D 103 23.04 -3.17 25.38
C GLY D 103 22.89 -3.51 23.91
N PRO D 104 24.01 -3.42 23.17
CA PRO D 104 24.01 -3.61 21.73
C PRO D 104 24.43 -5.02 21.30
N ASP D 105 24.66 -5.92 22.27
CA ASP D 105 25.24 -7.23 21.96
C ASP D 105 24.24 -8.39 22.02
N GLU D 106 24.64 -9.53 21.46
CA GLU D 106 23.90 -10.76 21.71
C GLU D 106 23.71 -10.88 23.22
N ILE D 107 22.50 -11.28 23.62
CA ILE D 107 22.18 -11.42 25.03
C ILE D 107 21.58 -12.80 25.31
N ASP D 108 22.13 -13.45 26.33
CA ASP D 108 21.58 -14.71 26.82
C ASP D 108 20.10 -14.55 27.21
N THR D 109 19.26 -15.49 26.77
CA THR D 109 17.81 -15.44 27.07
C THR D 109 17.47 -15.25 28.56
N ARG D 110 18.15 -15.98 29.45
CA ARG D 110 17.86 -15.85 30.87
CA ARG D 110 17.90 -15.87 30.90
C ARG D 110 18.22 -14.48 31.41
N ALA D 111 19.31 -13.91 30.88
CA ALA D 111 19.73 -12.57 31.24
C ALA D 111 18.72 -11.55 30.70
N CYS D 112 18.24 -11.81 29.49
CA CYS D 112 17.27 -10.92 28.84
C CYS D 112 15.94 -10.84 29.62
N VAL D 113 15.48 -11.97 30.13
CA VAL D 113 14.27 -12.02 30.98
C VAL D 113 14.40 -11.10 32.18
N GLU D 114 15.56 -11.15 32.83
CA GLU D 114 15.83 -10.30 33.98
C GLU D 114 15.81 -8.84 33.59
N ALA D 115 16.52 -8.50 32.50
CA ALA D 115 16.64 -7.12 32.09
C ALA D 115 15.27 -6.55 31.67
N ILE D 116 14.55 -7.31 30.84
CA ILE D 116 13.28 -6.83 30.31
C ILE D 116 12.24 -6.65 31.38
N VAL D 117 12.18 -7.58 32.34
CA VAL D 117 11.26 -7.42 33.47
C VAL D 117 11.58 -6.12 34.24
N ALA D 118 12.88 -5.85 34.44
CA ALA D 118 13.29 -4.60 35.10
C ALA D 118 12.80 -3.39 34.27
N LEU D 119 13.01 -3.45 32.96
CA LEU D 119 12.59 -2.36 32.06
C LEU D 119 11.09 -2.11 32.11
N VAL D 120 10.31 -3.20 32.07
CA VAL D 120 8.85 -3.12 32.22
C VAL D 120 8.49 -2.52 33.58
N ARG D 121 9.07 -3.06 34.66
CA ARG D 121 8.77 -2.57 36.00
C ARG D 121 9.14 -1.09 36.19
N HIS D 122 10.21 -0.63 35.55
CA HIS D 122 10.55 0.80 35.63
C HIS D 122 9.53 1.67 34.89
N THR D 123 8.97 1.14 33.79
CA THR D 123 7.95 1.87 33.04
C THR D 123 6.70 1.95 33.90
N VAL D 124 6.32 0.83 34.51
CA VAL D 124 5.15 0.80 35.39
C VAL D 124 5.37 1.72 36.58
N ASP D 125 6.62 1.83 37.02
CA ASP D 125 6.96 2.73 38.13
C ASP D 125 6.60 4.18 37.81
N THR D 126 7.04 4.66 36.65
CA THR D 126 6.66 5.96 36.13
C THR D 126 5.16 6.20 36.14
N ILE D 127 4.38 5.24 35.58
CA ILE D 127 2.91 5.35 35.56
C ILE D 127 2.29 5.45 36.94
N ARG D 128 2.73 4.62 37.88
CA ARG D 128 2.17 4.66 39.23
C ARG D 128 2.56 5.96 39.97
N ARG D 129 3.75 6.50 39.64
CA ARG D 129 4.23 7.76 40.26
C ARG D 129 3.38 8.95 39.82
N VAL D 130 3.10 9.03 38.51
CA VAL D 130 2.34 10.15 37.99
C VAL D 130 0.82 9.95 38.14
N HIS D 131 0.40 8.79 38.61
CA HIS D 131 -1.03 8.44 38.59
C HIS D 131 -1.94 9.37 39.41
N ASP D 132 -1.67 9.50 40.70
CA ASP D 132 -2.60 10.19 41.62
C ASP D 132 -2.91 11.64 41.22
N PRO D 133 -1.87 12.46 40.89
CA PRO D 133 -2.14 13.82 40.37
C PRO D 133 -2.93 13.83 39.06
N ILE D 134 -2.71 12.83 38.21
CA ILE D 134 -3.45 12.73 36.95
C ILE D 134 -4.92 12.37 37.23
N ASP D 135 -5.16 11.41 38.12
CA ASP D 135 -6.52 10.99 38.49
C ASP D 135 -7.30 12.07 39.24
N ALA D 136 -6.61 12.84 40.07
CA ALA D 136 -7.20 13.99 40.73
C ALA D 136 -7.74 14.99 39.70
N GLU D 137 -6.93 15.28 38.66
CA GLU D 137 -7.27 16.27 37.64
C GLU D 137 -8.21 15.80 36.49
N ASP D 138 -8.00 14.57 36.02
CA ASP D 138 -8.67 14.04 34.84
C ASP D 138 -8.80 12.53 34.98
N PRO D 139 -9.91 12.08 35.58
CA PRO D 139 -10.10 10.65 35.84
C PRO D 139 -10.07 9.78 34.57
N ALA D 140 -10.43 10.36 33.41
CA ALA D 140 -10.43 9.58 32.15
C ALA D 140 -9.00 9.31 31.68
N SER D 141 -8.11 10.27 31.88
CA SER D 141 -6.69 10.04 31.59
C SER D 141 -6.16 8.88 32.42
N ALA D 142 -6.63 8.81 33.66
CA ALA D 142 -6.19 7.80 34.62
C ALA D 142 -6.70 6.41 34.26
N ASP D 143 -7.88 6.37 33.64
CA ASP D 143 -8.45 5.11 33.16
C ASP D 143 -7.58 4.46 32.08
N LEU D 144 -7.06 5.28 31.16
CA LEU D 144 -6.06 4.84 30.19
C LEU D 144 -4.84 4.28 30.93
N LEU D 145 -4.36 5.01 31.95
CA LEU D 145 -3.24 4.54 32.73
C LEU D 145 -3.50 3.19 33.38
N HIS D 146 -4.73 2.95 33.84
CA HIS D 146 -5.07 1.65 34.43
C HIS D 146 -4.95 0.53 33.38
N ALA D 147 -5.41 0.80 32.16
CA ALA D 147 -5.32 -0.21 31.09
C ALA D 147 -3.85 -0.57 30.83
N ILE D 148 -3.01 0.46 30.70
CA ILE D 148 -1.58 0.27 30.44
C ILE D 148 -0.94 -0.51 31.58
N THR D 149 -1.34 -0.18 32.82
CA THR D 149 -0.76 -0.83 33.99
C THR D 149 -1.10 -2.31 34.01
N LEU D 150 -2.37 -2.64 33.81
CA LEU D 150 -2.82 -4.03 33.80
C LEU D 150 -2.02 -4.87 32.81
N GLU D 151 -1.87 -4.35 31.59
CA GLU D 151 -1.24 -5.11 30.49
C GLU D 151 0.25 -5.26 30.74
N LEU D 152 0.92 -4.18 31.15
CA LEU D 152 2.36 -4.28 31.42
C LEU D 152 2.73 -5.23 32.58
N GLU D 153 1.97 -5.15 33.66
CA GLU D 153 2.21 -6.02 34.82
C GLU D 153 1.90 -7.48 34.49
N LYS D 154 0.91 -7.69 33.62
CA LYS D 154 0.64 -9.03 33.10
C LYS D 154 1.86 -9.57 32.36
N GLN D 155 2.38 -8.75 31.44
CA GLN D 155 3.51 -9.20 30.64
C GLN D 155 4.77 -9.40 31.48
N ALA D 156 4.96 -8.53 32.49
CA ALA D 156 6.06 -8.67 33.43
C ALA D 156 5.98 -10.03 34.13
N TRP D 157 4.78 -10.44 34.54
CA TRP D 157 4.61 -11.73 35.20
C TRP D 157 4.93 -12.88 34.24
N MET D 158 4.35 -12.83 33.02
CA MET D 158 4.56 -13.88 32.03
C MET D 158 6.03 -14.06 31.64
N ILE D 159 6.70 -12.95 31.34
CA ILE D 159 8.09 -13.00 30.96
C ILE D 159 8.96 -13.49 32.14
N GLY D 160 8.79 -12.86 33.29
CA GLY D 160 9.64 -13.15 34.46
C GLY D 160 9.51 -14.57 34.98
N SER D 161 8.34 -15.19 34.75
CA SER D 161 8.09 -16.54 35.24
C SER D 161 9.07 -17.59 34.71
N GLU D 162 9.67 -17.33 33.56
CA GLU D 162 10.68 -18.22 32.99
C GLU D 162 11.82 -18.51 34.00
N ASN D 163 12.16 -17.50 34.81
CA ASN D 163 13.29 -17.57 35.76
C ASN D 163 12.90 -17.91 37.20
N ARG D 164 11.61 -18.05 37.48
CA ARG D 164 11.15 -18.19 38.87
C ARG D 164 11.10 -19.64 39.40
N SER D 165 11.25 -19.75 40.73
CA SER D 165 11.10 -21.01 41.46
C SER D 165 9.84 -20.93 42.30
N PRO D 166 9.22 -22.08 42.59
CA PRO D 166 8.07 -22.05 43.50
C PRO D 166 8.48 -21.55 44.88
N ARG D 167 7.67 -20.66 45.46
CA ARG D 167 7.96 -20.14 46.80
C ARG D 167 7.14 -20.86 47.86
#